data_6IUJ
#
_entry.id   6IUJ
#
_cell.length_a   83.172
_cell.length_b   114.948
_cell.length_c   118.461
_cell.angle_alpha   90.00
_cell.angle_beta   90.00
_cell.angle_gamma   90.00
#
_symmetry.space_group_name_H-M   'P 21 21 21'
#
loop_
_entity.id
_entity.type
_entity.pdbx_description
1 polymer 'GH30 Xylanase B'
2 branched 2-acetamido-2-deoxy-beta-D-glucopyranose-(1-4)-2-acetamido-2-deoxy-beta-D-glucopyranose
3 branched alpha-D-mannopyranose-(1-3)-[alpha-D-mannopyranose-(1-6)]beta-D-mannopyranose-(1-4)-2-acetamido-2-deoxy-beta-D-glucopyranose-(1-4)-2-acetamido-2-deoxy-beta-D-glucopyranose
4 branched beta-D-mannopyranose-(1-4)-2-acetamido-2-deoxy-beta-D-glucopyranose-(1-4)-2-acetamido-2-deoxy-beta-D-glucopyranose
5 branched alpha-D-mannopyranose-(1-6)-beta-D-mannopyranose-(1-4)-2-acetamido-2-deoxy-beta-D-glucopyranose-(1-4)-2-acetamido-2-deoxy-beta-D-glucopyranose
6 branched alpha-D-mannopyranose-(1-3)-alpha-D-mannopyranose-(1-6)-[alpha-D-mannopyranose-(1-3)]beta-D-mannopyranose-(1-4)-2-acetamido-2-deoxy-beta-D-glucopyranose-(1-4)-2-acetamido-2-deoxy-beta-D-glucopyranose
7 non-polymer 2-acetamido-2-deoxy-beta-D-glucopyranose
8 water water
#
_entity_poly.entity_id   1
_entity_poly.type   'polypeptide(L)'
_entity_poly.pdbx_seq_one_letter_code
;MVFSKVAVAASALSLGAYAIDAQINVDLQARYQSVDGFGCSQAFQRAEDIFGKYGLSPKNQSYVLDLMYSEERGAGFTIL
RNGIGSSNSSTSNLMNSIEPFSPGSPSSTPNYTWDHYNSGQFPLSQQARARGLPYIYADAWSAPGYMKTNQDENWSGFLC
GIEGETCPSGDWRQAYADYLVQYVKFYAESGVPVTHLGFLNEPQEVVSYASMGSNGTQAAEFVKILGQTLEREGIDIELT
CCDGVGWSEQEAMIPGLQVVGPDGKSAEDYLSVVTGHGYSSAPTFPLSTKRRTWLTEWTDLSGAFTPYTFFADGGAGEGM
TWANHIQTAFVNANVSAFIYWIGAENSTTNSGMINLINDEVIPSKRFWSMASFSKFVRPNAQRVKATSSDASVTVSAFEN
TNGVVAIQVINNGTSAASLTIDLGKTHKEVKKVVPWVTSNDYDLEEMSEIDVKHNSFLASVPARSLTSFVTECE
;
_entity_poly.pdbx_strand_id   A,B
#
# COMPACT_ATOMS: atom_id res chain seq x y z
N ILE A 20 2.29 -20.49 16.57
CA ILE A 20 0.91 -20.52 15.98
C ILE A 20 0.90 -21.49 14.79
N ASP A 21 -0.28 -21.97 14.40
CA ASP A 21 -0.48 -22.81 13.19
C ASP A 21 -0.98 -21.90 12.06
N ALA A 22 -0.37 -21.98 10.88
CA ALA A 22 -0.75 -21.21 9.68
C ALA A 22 -0.83 -22.18 8.49
N GLN A 23 -1.87 -22.02 7.67
CA GLN A 23 -2.03 -22.74 6.39
C GLN A 23 -1.56 -21.77 5.28
N ILE A 24 -0.64 -22.22 4.43
CA ILE A 24 -0.22 -21.52 3.20
C ILE A 24 -0.77 -22.30 2.01
N ASN A 25 -1.45 -21.62 1.08
CA ASN A 25 -1.99 -22.21 -0.17
C ASN A 25 -1.35 -21.48 -1.35
N VAL A 26 -0.68 -22.25 -2.20
CA VAL A 26 -0.06 -21.80 -3.47
C VAL A 26 -0.91 -22.36 -4.62
N ASP A 27 -1.39 -21.48 -5.50
CA ASP A 27 -2.17 -21.84 -6.71
C ASP A 27 -1.35 -21.48 -7.95
N LEU A 28 -0.76 -22.47 -8.63
CA LEU A 28 0.11 -22.22 -9.81
C LEU A 28 -0.74 -21.88 -11.04
N GLN A 29 -2.07 -22.00 -10.96
CA GLN A 29 -3.01 -21.69 -12.07
C GLN A 29 -3.41 -20.21 -11.99
N ALA A 30 -3.14 -19.52 -10.87
CA ALA A 30 -3.36 -18.07 -10.69
C ALA A 30 -2.01 -17.34 -10.82
N ARG A 31 -1.71 -16.86 -12.01
CA ARG A 31 -0.36 -16.38 -12.40
C ARG A 31 -0.43 -14.86 -12.63
N TYR A 32 0.62 -14.14 -12.23
CA TYR A 32 0.67 -12.66 -12.27
C TYR A 32 1.88 -12.23 -13.11
N GLN A 33 2.67 -11.27 -12.63
CA GLN A 33 3.76 -10.62 -13.40
C GLN A 33 4.95 -11.56 -13.54
N SER A 34 5.73 -11.36 -14.60
CA SER A 34 7.02 -12.04 -14.84
C SER A 34 8.10 -11.30 -14.06
N VAL A 35 9.21 -11.97 -13.83
CA VAL A 35 10.37 -11.43 -13.05
C VAL A 35 11.58 -11.33 -13.97
N ASP A 36 12.27 -10.20 -13.91
CA ASP A 36 13.54 -9.95 -14.63
C ASP A 36 14.71 -10.21 -13.65
N GLY A 37 14.51 -9.89 -12.38
CA GLY A 37 15.36 -10.39 -11.28
C GLY A 37 15.78 -9.29 -10.33
N PHE A 38 17.01 -9.38 -9.82
CA PHE A 38 17.49 -8.60 -8.67
C PHE A 38 18.91 -8.11 -8.96
N GLY A 39 19.31 -7.01 -8.34
CA GLY A 39 20.67 -6.52 -8.51
C GLY A 39 20.93 -5.27 -7.71
N CYS A 40 21.89 -4.49 -8.18
CA CYS A 40 22.36 -3.31 -7.47
C CYS A 40 23.13 -2.45 -8.45
N SER A 41 23.63 -1.31 -7.97
CA SER A 41 24.52 -0.38 -8.69
C SER A 41 25.91 -0.42 -8.07
N GLN A 42 26.93 -0.08 -8.84
CA GLN A 42 28.28 0.26 -8.33
C GLN A 42 28.67 1.65 -8.86
N ALA A 43 27.71 2.54 -8.99
CA ALA A 43 27.90 3.91 -9.53
C ALA A 43 28.75 4.75 -8.57
N PHE A 44 29.18 5.93 -9.03
CA PHE A 44 29.93 6.93 -8.23
C PHE A 44 31.24 6.32 -7.68
N GLN A 45 31.93 5.52 -8.52
CA GLN A 45 33.29 4.96 -8.25
C GLN A 45 33.24 3.81 -7.26
N ARG A 46 32.07 3.33 -6.86
CA ARG A 46 31.97 2.20 -5.89
C ARG A 46 32.39 0.89 -6.56
N ALA A 47 32.37 0.80 -7.89
CA ALA A 47 32.96 -0.33 -8.64
C ALA A 47 34.45 -0.48 -8.24
N GLU A 48 35.14 0.64 -8.04
CA GLU A 48 36.60 0.68 -7.72
C GLU A 48 36.86 0.04 -6.35
N ASP A 49 35.89 0.15 -5.41
CA ASP A 49 35.94 -0.48 -4.06
C ASP A 49 36.06 -1.99 -4.23
N ILE A 50 35.27 -2.58 -5.13
CA ILE A 50 35.28 -4.04 -5.37
C ILE A 50 36.63 -4.44 -5.96
N PHE A 51 37.33 -3.52 -6.65
CA PHE A 51 38.60 -3.81 -7.36
C PHE A 51 39.81 -3.30 -6.56
N GLY A 52 39.64 -3.02 -5.27
CA GLY A 52 40.76 -2.92 -4.31
C GLY A 52 41.25 -1.51 -4.04
N LYS A 53 40.47 -0.48 -4.37
CA LYS A 53 40.87 0.94 -4.16
C LYS A 53 41.26 1.18 -2.70
N TYR A 54 40.61 0.51 -1.74
CA TYR A 54 40.80 0.74 -0.29
C TYR A 54 41.49 -0.46 0.37
N GLY A 55 42.12 -1.34 -0.42
CA GLY A 55 42.98 -2.43 0.08
C GLY A 55 42.32 -3.80 0.04
N LEU A 56 41.14 -3.97 -0.56
CA LEU A 56 40.47 -5.30 -0.66
C LEU A 56 41.40 -6.25 -1.43
N SER A 57 41.75 -7.39 -0.82
CA SER A 57 42.68 -8.39 -1.41
C SER A 57 42.05 -9.04 -2.63
N PRO A 58 42.87 -9.50 -3.60
CA PRO A 58 42.37 -10.28 -4.75
C PRO A 58 41.42 -11.43 -4.39
N LYS A 59 41.70 -12.17 -3.30
CA LYS A 59 40.85 -13.28 -2.81
C LYS A 59 39.44 -12.71 -2.55
N ASN A 60 39.36 -11.56 -1.88
CA ASN A 60 38.06 -11.00 -1.44
C ASN A 60 37.38 -10.25 -2.59
N GLN A 61 38.12 -9.76 -3.58
CA GLN A 61 37.53 -9.13 -4.79
C GLN A 61 36.73 -10.22 -5.51
N SER A 62 37.36 -11.36 -5.79
CA SER A 62 36.72 -12.56 -6.40
C SER A 62 35.54 -13.03 -5.54
N TYR A 63 35.70 -13.07 -4.22
CA TYR A 63 34.68 -13.56 -3.27
C TYR A 63 33.44 -12.66 -3.39
N VAL A 64 33.63 -11.34 -3.34
CA VAL A 64 32.53 -10.33 -3.45
C VAL A 64 31.82 -10.50 -4.79
N LEU A 65 32.56 -10.64 -5.89
CA LEU A 65 31.95 -10.79 -7.23
C LEU A 65 31.15 -12.11 -7.26
N ASP A 66 31.63 -13.15 -6.57
CA ASP A 66 30.93 -14.46 -6.47
C ASP A 66 29.64 -14.29 -5.66
N LEU A 67 29.71 -13.60 -4.51
CA LEU A 67 28.52 -13.34 -3.65
C LEU A 67 27.44 -12.65 -4.49
N MET A 68 27.84 -11.70 -5.32
CA MET A 68 26.89 -10.85 -6.08
C MET A 68 26.36 -11.58 -7.32
N TYR A 69 27.20 -12.27 -8.10
CA TYR A 69 26.83 -12.71 -9.47
C TYR A 69 26.82 -14.23 -9.67
N SER A 70 27.39 -15.03 -8.78
CA SER A 70 27.38 -16.52 -8.94
C SER A 70 26.08 -17.08 -8.35
N GLU A 71 25.25 -17.72 -9.18
CA GLU A 71 24.02 -18.44 -8.75
C GLU A 71 24.40 -19.53 -7.74
N GLU A 72 25.53 -20.22 -7.95
CA GLU A 72 26.05 -21.35 -7.11
C GLU A 72 26.57 -20.84 -5.76
N ARG A 73 27.45 -19.84 -5.75
CA ARG A 73 28.20 -19.43 -4.52
C ARG A 73 27.58 -18.20 -3.82
N GLY A 74 26.65 -17.50 -4.47
CA GLY A 74 26.07 -16.26 -3.90
C GLY A 74 24.62 -16.05 -4.29
N ALA A 75 24.28 -14.79 -4.57
CA ALA A 75 22.91 -14.28 -4.84
C ALA A 75 22.48 -14.57 -6.28
N GLY A 76 23.43 -14.60 -7.21
CA GLY A 76 23.15 -14.74 -8.65
C GLY A 76 22.33 -13.57 -9.20
N PHE A 77 22.68 -12.34 -8.78
CA PHE A 77 22.05 -11.09 -9.25
C PHE A 77 22.08 -11.09 -10.77
N THR A 78 20.99 -10.63 -11.38
CA THR A 78 20.80 -10.74 -12.84
C THR A 78 20.69 -9.35 -13.45
N ILE A 79 20.73 -8.28 -12.65
CA ILE A 79 20.66 -6.88 -13.14
C ILE A 79 21.78 -6.07 -12.50
N LEU A 80 22.57 -5.40 -13.32
CA LEU A 80 23.57 -4.42 -12.87
C LEU A 80 23.19 -3.06 -13.45
N ARG A 81 22.93 -2.09 -12.60
CA ARG A 81 22.55 -0.71 -12.99
C ARG A 81 23.83 0.12 -12.98
N ASN A 82 24.29 0.56 -14.15
CA ASN A 82 25.52 1.37 -14.30
C ASN A 82 25.14 2.84 -14.56
N GLY A 83 25.94 3.77 -14.05
CA GLY A 83 25.80 5.21 -14.33
C GLY A 83 26.47 5.61 -15.63
N ILE A 84 25.73 6.28 -16.51
CA ILE A 84 26.29 6.99 -17.69
C ILE A 84 26.83 8.34 -17.17
N GLY A 85 28.14 8.45 -17.01
CA GLY A 85 28.79 9.60 -16.34
C GLY A 85 28.55 10.89 -17.10
N SER A 86 28.34 11.98 -16.39
CA SER A 86 28.07 13.32 -16.97
C SER A 86 29.24 14.29 -16.70
N SER A 87 30.24 13.90 -15.91
CA SER A 87 31.29 14.81 -15.37
C SER A 87 32.46 14.96 -16.34
N ASN A 88 33.20 16.08 -16.22
CA ASN A 88 34.36 16.40 -17.08
C ASN A 88 35.65 16.09 -16.32
N SER A 89 35.55 15.39 -15.19
CA SER A 89 36.70 14.89 -14.39
C SER A 89 36.27 13.67 -13.58
N SER A 90 37.25 13.03 -12.93
CA SER A 90 37.10 11.84 -12.04
C SER A 90 37.52 12.20 -10.61
N THR A 91 37.51 13.49 -10.26
CA THR A 91 37.75 13.92 -8.85
C THR A 91 36.56 13.48 -7.98
N SER A 92 36.71 13.54 -6.65
CA SER A 92 35.66 13.23 -5.65
C SER A 92 35.08 11.85 -6.01
N ASN A 93 33.75 11.70 -6.10
CA ASN A 93 33.11 10.41 -6.46
C ASN A 93 32.49 10.52 -7.87
N LEU A 94 32.96 11.49 -8.67
CA LEU A 94 32.33 11.85 -9.96
C LEU A 94 32.51 10.71 -10.97
N MET A 95 31.50 10.52 -11.81
CA MET A 95 31.52 9.61 -12.98
C MET A 95 31.75 10.46 -14.23
N ASN A 96 32.93 10.32 -14.83
CA ASN A 96 33.36 11.07 -16.03
C ASN A 96 32.54 10.61 -17.24
N SER A 97 32.38 11.54 -18.19
CA SER A 97 31.54 11.43 -19.41
C SER A 97 32.38 10.99 -20.61
N ILE A 98 31.75 10.33 -21.57
CA ILE A 98 32.33 10.04 -22.91
C ILE A 98 32.41 11.33 -23.74
N GLU A 99 31.68 12.40 -23.34
CA GLU A 99 31.72 13.70 -24.05
C GLU A 99 31.89 14.80 -23.00
N PRO A 100 33.06 14.87 -22.36
CA PRO A 100 33.22 15.74 -21.19
C PRO A 100 33.15 17.25 -21.50
N PHE A 101 33.51 17.69 -22.70
CA PHE A 101 33.59 19.13 -23.05
C PHE A 101 32.70 19.46 -24.25
N SER A 102 32.16 20.68 -24.25
CA SER A 102 31.22 21.16 -25.28
C SER A 102 31.87 21.05 -26.66
N PRO A 103 31.14 20.53 -27.68
CA PRO A 103 31.62 20.59 -29.06
C PRO A 103 31.52 22.00 -29.68
N GLY A 104 30.88 22.94 -28.98
CA GLY A 104 30.72 24.33 -29.42
C GLY A 104 29.26 24.69 -29.66
N SER A 105 28.52 23.80 -30.30
CA SER A 105 27.08 23.99 -30.60
C SER A 105 26.45 22.63 -30.85
N PRO A 106 25.11 22.51 -30.81
CA PRO A 106 24.44 21.22 -30.95
C PRO A 106 24.77 20.50 -32.26
N SER A 107 25.01 21.25 -33.34
CA SER A 107 25.26 20.73 -34.70
C SER A 107 26.77 20.43 -34.90
N SER A 108 27.64 20.96 -34.05
CA SER A 108 29.11 20.70 -34.10
C SER A 108 29.40 19.20 -33.84
N THR A 109 30.43 18.67 -34.49
CA THR A 109 30.92 17.27 -34.36
C THR A 109 31.32 17.00 -32.91
N PRO A 110 30.71 15.99 -32.24
CA PRO A 110 31.13 15.62 -30.89
C PRO A 110 32.54 15.03 -30.86
N ASN A 111 33.32 15.38 -29.84
CA ASN A 111 34.64 14.75 -29.51
C ASN A 111 34.36 13.73 -28.40
N TYR A 112 34.14 12.47 -28.77
CA TYR A 112 33.87 11.34 -27.85
C TYR A 112 35.21 10.73 -27.39
N THR A 113 35.25 10.28 -26.14
CA THR A 113 36.44 9.59 -25.55
C THR A 113 35.96 8.40 -24.71
N TRP A 114 36.46 7.21 -25.04
CA TRP A 114 36.14 5.91 -24.40
C TRP A 114 37.40 5.39 -23.70
N ASP A 115 37.32 5.06 -22.41
CA ASP A 115 38.46 4.64 -21.58
C ASP A 115 38.37 3.14 -21.22
N HIS A 116 37.40 2.40 -21.75
CA HIS A 116 37.14 0.98 -21.38
C HIS A 116 37.13 0.82 -19.86
N TYR A 117 36.53 1.78 -19.14
CA TYR A 117 36.59 1.85 -17.66
C TYR A 117 35.24 2.31 -17.08
N ASN A 118 34.75 3.52 -17.42
CA ASN A 118 33.42 4.05 -16.97
C ASN A 118 33.35 3.94 -15.43
N SER A 119 34.38 4.45 -14.76
CA SER A 119 34.47 4.55 -13.28
C SER A 119 34.43 3.15 -12.67
N GLY A 120 35.09 2.18 -13.29
CA GLY A 120 35.13 0.78 -12.83
C GLY A 120 33.95 -0.05 -13.31
N GLN A 121 32.94 0.59 -13.90
CA GLN A 121 31.67 -0.11 -14.21
C GLN A 121 31.85 -1.04 -15.42
N PHE A 122 32.79 -0.74 -16.33
CA PHE A 122 33.00 -1.56 -17.54
C PHE A 122 33.62 -2.91 -17.16
N PRO A 123 34.80 -2.97 -16.52
CA PRO A 123 35.33 -4.24 -16.03
C PRO A 123 34.36 -5.00 -15.11
N LEU A 124 33.65 -4.30 -14.23
CA LEU A 124 32.61 -4.93 -13.38
C LEU A 124 31.61 -5.65 -14.27
N SER A 125 31.06 -4.96 -15.28
CA SER A 125 30.09 -5.53 -16.24
C SER A 125 30.66 -6.81 -16.86
N GLN A 126 31.94 -6.78 -17.27
CA GLN A 126 32.62 -7.95 -17.89
C GLN A 126 32.63 -9.12 -16.92
N GLN A 127 32.95 -8.84 -15.66
CA GLN A 127 33.17 -9.91 -14.64
C GLN A 127 31.82 -10.43 -14.12
N ALA A 128 30.79 -9.59 -14.09
CA ALA A 128 29.40 -10.01 -13.83
C ALA A 128 28.93 -10.93 -14.97
N ARG A 129 29.10 -10.48 -16.21
CA ARG A 129 28.65 -11.23 -17.42
C ARG A 129 29.37 -12.59 -17.49
N ALA A 130 30.66 -12.64 -17.14
CA ALA A 130 31.50 -13.86 -17.13
C ALA A 130 30.87 -14.90 -16.20
N ARG A 131 30.19 -14.44 -15.15
CA ARG A 131 29.53 -15.28 -14.11
C ARG A 131 28.05 -15.54 -14.44
N GLY A 132 27.49 -14.95 -15.52
CA GLY A 132 26.14 -15.28 -16.03
C GLY A 132 25.10 -14.15 -15.94
N LEU A 133 25.49 -12.95 -15.48
CA LEU A 133 24.65 -11.73 -15.42
C LEU A 133 24.04 -11.45 -16.79
N PRO A 134 22.71 -11.57 -17.01
CA PRO A 134 22.12 -11.18 -18.30
C PRO A 134 21.87 -9.68 -18.54
N TYR A 135 21.39 -8.91 -17.56
CA TYR A 135 20.84 -7.55 -17.81
C TYR A 135 21.77 -6.45 -17.30
N ILE A 136 22.20 -5.55 -18.18
CA ILE A 136 22.92 -4.30 -17.81
C ILE A 136 22.02 -3.10 -18.13
N TYR A 137 21.68 -2.34 -17.09
CA TYR A 137 20.83 -1.13 -17.15
C TYR A 137 21.76 0.08 -17.05
N ALA A 138 21.96 0.79 -18.15
CA ALA A 138 22.71 2.05 -18.16
C ALA A 138 21.73 3.18 -17.90
N ASP A 139 22.03 4.05 -16.92
CA ASP A 139 21.11 5.15 -16.52
C ASP A 139 21.95 6.43 -16.36
N ALA A 140 21.51 7.52 -16.98
CA ALA A 140 22.15 8.86 -16.85
C ALA A 140 21.48 9.59 -15.69
N TRP A 141 22.29 10.16 -14.80
CA TRP A 141 21.83 11.07 -13.70
C TRP A 141 21.61 12.47 -14.32
N SER A 142 22.32 12.78 -15.40
CA SER A 142 22.27 14.11 -16.06
C SER A 142 22.89 14.03 -17.46
N ALA A 143 22.44 14.88 -18.37
CA ALA A 143 23.22 15.25 -19.58
C ALA A 143 24.44 16.04 -19.11
N PRO A 144 25.51 16.14 -19.92
CA PRO A 144 26.62 17.04 -19.58
C PRO A 144 26.12 18.48 -19.39
N GLY A 145 26.81 19.26 -18.54
CA GLY A 145 26.47 20.64 -18.20
C GLY A 145 26.10 21.47 -19.43
N TYR A 146 26.94 21.44 -20.46
CA TYR A 146 26.87 22.34 -21.63
C TYR A 146 25.59 22.08 -22.45
N MET A 147 24.88 20.98 -22.16
CA MET A 147 23.59 20.63 -22.83
C MET A 147 22.38 21.13 -22.02
N LYS A 148 22.56 21.84 -20.91
CA LYS A 148 21.45 22.14 -19.97
C LYS A 148 21.29 23.64 -19.70
N THR A 149 20.08 24.03 -19.31
CA THR A 149 19.66 25.43 -19.04
C THR A 149 20.64 26.10 -18.08
N ASN A 150 21.13 25.40 -17.06
CA ASN A 150 21.95 25.96 -15.95
C ASN A 150 23.45 25.77 -16.24
N GLN A 151 23.80 25.10 -17.35
CA GLN A 151 25.20 24.89 -17.82
C GLN A 151 26.00 24.12 -16.76
N ASP A 152 25.35 23.19 -16.07
CA ASP A 152 25.89 22.49 -14.88
C ASP A 152 25.26 21.08 -14.84
N GLU A 153 26.08 20.06 -14.57
CA GLU A 153 25.58 18.67 -14.39
C GLU A 153 24.82 18.62 -13.06
N ASN A 154 25.12 19.56 -12.15
CA ASN A 154 24.55 19.62 -10.77
C ASN A 154 23.33 20.53 -10.70
N TRP A 155 22.56 20.42 -9.61
CA TRP A 155 21.46 21.34 -9.20
C TRP A 155 20.35 21.30 -10.24
N SER A 156 19.96 20.09 -10.64
CA SER A 156 18.89 19.84 -11.62
C SER A 156 19.16 20.69 -12.88
N GLY A 157 18.18 21.46 -13.34
CA GLY A 157 18.25 22.13 -14.65
C GLY A 157 17.74 21.19 -15.71
N PHE A 158 17.54 21.69 -16.92
CA PHE A 158 16.78 21.01 -17.99
C PHE A 158 17.64 20.90 -19.24
N LEU A 159 17.43 19.81 -19.97
CA LEU A 159 18.02 19.62 -21.31
C LEU A 159 17.49 20.75 -22.19
N CYS A 160 18.39 21.51 -22.81
CA CYS A 160 18.02 22.66 -23.68
C CYS A 160 17.19 22.18 -24.86
N GLY A 161 15.99 22.73 -25.03
CA GLY A 161 15.12 22.48 -26.19
C GLY A 161 13.87 21.68 -25.85
N ILE A 162 13.81 21.02 -24.69
CA ILE A 162 12.54 20.37 -24.24
C ILE A 162 11.53 21.48 -23.89
N GLU A 163 10.24 21.14 -24.00
CA GLU A 163 9.09 22.07 -23.81
C GLU A 163 9.38 23.01 -22.63
N GLY A 164 9.28 24.32 -22.86
CA GLY A 164 9.38 25.37 -21.83
C GLY A 164 10.80 25.71 -21.41
N GLU A 165 11.82 25.12 -22.04
CA GLU A 165 13.23 25.26 -21.57
C GLU A 165 14.16 25.49 -22.78
N THR A 166 14.14 26.70 -23.31
CA THR A 166 15.07 27.17 -24.37
C THR A 166 16.38 27.64 -23.71
N CYS A 167 17.48 27.54 -24.44
CA CYS A 167 18.82 28.08 -24.07
C CYS A 167 19.36 28.91 -25.25
N PRO A 168 20.16 29.96 -24.97
CA PRO A 168 20.85 30.70 -26.04
C PRO A 168 21.68 29.80 -26.98
N SER A 169 22.35 28.75 -26.47
CA SER A 169 23.26 27.86 -27.26
C SER A 169 22.45 26.92 -28.19
N GLY A 170 21.13 26.87 -28.04
CA GLY A 170 20.23 26.19 -28.98
C GLY A 170 19.59 24.93 -28.40
N ASP A 171 19.26 23.99 -29.28
CA ASP A 171 18.46 22.77 -28.99
C ASP A 171 19.42 21.56 -28.92
N TRP A 172 19.68 21.03 -27.72
CA TRP A 172 20.62 19.90 -27.49
C TRP A 172 19.91 18.54 -27.39
N ARG A 173 18.63 18.44 -27.74
CA ARG A 173 17.86 17.18 -27.49
C ARG A 173 18.46 16.04 -28.31
N GLN A 174 18.60 16.22 -29.62
CA GLN A 174 19.12 15.19 -30.55
C GLN A 174 20.55 14.86 -30.15
N ALA A 175 21.34 15.86 -29.75
CA ALA A 175 22.73 15.71 -29.31
C ALA A 175 22.78 14.77 -28.09
N TYR A 176 21.87 14.93 -27.14
CA TYR A 176 21.85 14.08 -25.91
C TYR A 176 21.44 12.65 -26.32
N ALA A 177 20.49 12.50 -27.24
CA ALA A 177 20.06 11.17 -27.74
C ALA A 177 21.25 10.48 -28.42
N ASP A 178 22.02 11.21 -29.23
CA ASP A 178 23.17 10.65 -30.01
C ASP A 178 24.29 10.26 -29.03
N TYR A 179 24.41 10.98 -27.92
CA TYR A 179 25.40 10.77 -26.84
C TYR A 179 25.08 9.47 -26.10
N LEU A 180 23.82 9.27 -25.73
CA LEU A 180 23.35 8.05 -25.03
C LEU A 180 23.58 6.82 -25.93
N VAL A 181 23.32 6.97 -27.23
CA VAL A 181 23.48 5.89 -28.25
C VAL A 181 24.97 5.58 -28.38
N GLN A 182 25.82 6.60 -28.32
CA GLN A 182 27.28 6.44 -28.46
C GLN A 182 27.79 5.63 -27.26
N TYR A 183 27.30 5.94 -26.05
CA TYR A 183 27.65 5.21 -24.81
C TYR A 183 27.36 3.73 -25.02
N VAL A 184 26.18 3.44 -25.56
CA VAL A 184 25.68 2.06 -25.80
C VAL A 184 26.59 1.37 -26.82
N LYS A 185 27.01 2.07 -27.88
CA LYS A 185 27.84 1.51 -28.97
C LYS A 185 29.25 1.20 -28.44
N PHE A 186 29.82 2.09 -27.62
CA PHE A 186 31.14 1.86 -26.99
C PHE A 186 31.12 0.54 -26.19
N TYR A 187 30.07 0.33 -25.40
CA TYR A 187 29.87 -0.92 -24.62
C TYR A 187 29.80 -2.13 -25.55
N ALA A 188 28.96 -2.11 -26.58
CA ALA A 188 28.70 -3.24 -27.50
C ALA A 188 29.96 -3.57 -28.32
N GLU A 189 30.68 -2.55 -28.76
CA GLU A 189 31.92 -2.68 -29.59
C GLU A 189 33.05 -3.23 -28.70
N SER A 190 32.97 -3.04 -27.38
CA SER A 190 33.94 -3.60 -26.41
C SER A 190 33.50 -4.98 -25.89
N GLY A 191 32.43 -5.57 -26.44
CA GLY A 191 31.97 -6.94 -26.14
C GLY A 191 30.94 -7.03 -25.02
N VAL A 192 30.37 -5.91 -24.56
CA VAL A 192 29.41 -5.90 -23.41
C VAL A 192 28.12 -5.18 -23.81
N PRO A 193 27.13 -5.88 -24.44
CA PRO A 193 25.89 -5.23 -24.84
C PRO A 193 25.09 -4.75 -23.61
N VAL A 194 24.56 -3.53 -23.69
CA VAL A 194 23.62 -2.95 -22.69
C VAL A 194 22.21 -3.40 -23.09
N THR A 195 21.40 -3.85 -22.14
CA THR A 195 20.04 -4.41 -22.41
C THR A 195 18.96 -3.36 -22.13
N HIS A 196 19.22 -2.40 -21.23
CA HIS A 196 18.24 -1.42 -20.72
C HIS A 196 18.90 -0.04 -20.63
N LEU A 197 18.18 1.01 -21.02
CA LEU A 197 18.76 2.37 -21.08
C LEU A 197 17.74 3.37 -20.53
N GLY A 198 18.19 4.22 -19.60
CA GLY A 198 17.44 5.37 -19.06
C GLY A 198 18.26 6.65 -19.16
N PHE A 199 17.59 7.79 -19.22
CA PHE A 199 18.19 9.12 -19.52
C PHE A 199 17.94 10.12 -18.39
N LEU A 200 17.20 9.72 -17.34
CA LEU A 200 16.93 10.48 -16.10
C LEU A 200 17.20 9.64 -14.86
N ASN A 201 17.50 10.31 -13.77
CA ASN A 201 17.51 9.72 -12.42
C ASN A 201 16.84 10.73 -11.49
N GLU A 202 15.79 10.33 -10.79
CA GLU A 202 15.12 11.18 -9.76
C GLU A 202 14.95 12.62 -10.27
N PRO A 203 14.23 12.83 -11.38
CA PRO A 203 14.06 14.17 -11.96
C PRO A 203 13.39 15.20 -11.03
N GLN A 204 12.78 14.74 -9.94
CA GLN A 204 12.14 15.59 -8.91
C GLN A 204 13.19 16.29 -8.04
N GLU A 205 14.43 15.79 -7.99
CA GLU A 205 15.42 16.15 -6.93
C GLU A 205 16.35 17.28 -7.40
N VAL A 206 16.49 18.31 -6.57
CA VAL A 206 17.45 19.45 -6.77
C VAL A 206 18.59 19.25 -5.77
N VAL A 207 19.75 18.77 -6.21
CA VAL A 207 20.86 18.29 -5.31
C VAL A 207 22.21 18.76 -5.86
N SER A 208 23.26 18.65 -5.04
CA SER A 208 24.63 19.15 -5.31
C SER A 208 25.36 18.23 -6.30
N TYR A 209 24.82 17.04 -6.59
CA TYR A 209 25.47 16.07 -7.51
C TYR A 209 24.66 15.99 -8.81
N ALA A 210 25.14 15.18 -9.75
CA ALA A 210 24.58 15.01 -11.10
C ALA A 210 23.06 14.83 -11.01
N SER A 211 22.31 15.68 -11.70
CA SER A 211 20.83 15.75 -11.59
C SER A 211 20.28 16.60 -12.73
N MET A 212 19.09 16.27 -13.19
CA MET A 212 18.43 16.92 -14.34
C MET A 212 16.93 16.72 -14.15
N GLY A 213 16.18 17.82 -14.15
CA GLY A 213 14.72 17.80 -13.98
C GLY A 213 14.01 17.38 -15.25
N SER A 214 12.73 17.04 -15.10
CA SER A 214 11.70 17.06 -16.16
C SER A 214 10.39 16.52 -15.56
N ASN A 215 9.26 17.04 -16.02
CA ASN A 215 7.92 16.53 -15.63
C ASN A 215 7.58 15.41 -16.62
N GLY A 216 6.39 14.81 -16.49
CA GLY A 216 5.94 13.69 -17.33
C GLY A 216 5.94 14.02 -18.81
N THR A 217 5.51 15.23 -19.19
CA THR A 217 5.42 15.72 -20.60
C THR A 217 6.81 15.85 -21.20
N GLN A 218 7.76 16.43 -20.45
CA GLN A 218 9.16 16.65 -20.88
C GLN A 218 9.85 15.29 -21.04
N ALA A 219 9.67 14.38 -20.09
CA ALA A 219 10.21 13.00 -20.14
C ALA A 219 9.69 12.29 -21.39
N ALA A 220 8.37 12.38 -21.63
CA ALA A 220 7.66 11.74 -22.76
C ALA A 220 8.22 12.24 -24.10
N GLU A 221 8.39 13.55 -24.24
CA GLU A 221 8.98 14.20 -25.44
C GLU A 221 10.35 13.56 -25.75
N PHE A 222 11.21 13.37 -24.76
CA PHE A 222 12.58 12.86 -25.01
C PHE A 222 12.56 11.34 -25.25
N VAL A 223 11.67 10.60 -24.58
CA VAL A 223 11.52 9.13 -24.80
C VAL A 223 11.36 8.87 -26.30
N LYS A 224 10.49 9.63 -26.97
CA LYS A 224 10.15 9.46 -28.41
C LYS A 224 11.36 9.77 -29.31
N ILE A 225 12.05 10.89 -29.06
CA ILE A 225 13.32 11.27 -29.77
C ILE A 225 14.36 10.16 -29.62
N LEU A 226 14.62 9.71 -28.38
CA LEU A 226 15.61 8.67 -28.07
C LEU A 226 15.19 7.35 -28.74
N GLY A 227 13.92 6.98 -28.61
CA GLY A 227 13.36 5.76 -29.24
C GLY A 227 13.52 5.79 -30.75
N GLN A 228 13.13 6.90 -31.39
CA GLN A 228 13.21 7.06 -32.86
C GLN A 228 14.68 7.05 -33.29
N THR A 229 15.59 7.60 -32.47
CA THR A 229 17.04 7.62 -32.76
C THR A 229 17.59 6.19 -32.75
N LEU A 230 17.21 5.35 -31.79
CA LEU A 230 17.69 3.94 -31.70
C LEU A 230 17.15 3.11 -32.88
N GLU A 231 15.94 3.42 -33.36
CA GLU A 231 15.34 2.75 -34.56
C GLU A 231 16.15 3.11 -35.81
N ARG A 232 16.52 4.38 -35.98
CA ARG A 232 17.36 4.83 -37.13
C ARG A 232 18.70 4.09 -37.11
N GLU A 233 19.29 3.89 -35.93
CA GLU A 233 20.62 3.23 -35.77
C GLU A 233 20.49 1.70 -35.82
N GLY A 234 19.27 1.15 -35.82
CA GLY A 234 19.01 -0.31 -35.84
C GLY A 234 19.49 -1.00 -34.56
N ILE A 235 19.52 -0.26 -33.44
CA ILE A 235 19.96 -0.78 -32.11
C ILE A 235 18.70 -1.25 -31.37
N ASP A 236 18.70 -2.52 -30.94
CA ASP A 236 17.63 -3.15 -30.13
C ASP A 236 18.02 -3.02 -28.65
N ILE A 237 17.27 -2.25 -27.88
CA ILE A 237 17.50 -2.03 -26.42
C ILE A 237 16.16 -1.71 -25.76
N GLU A 238 15.99 -2.05 -24.48
CA GLU A 238 14.75 -1.76 -23.72
C GLU A 238 14.88 -0.37 -23.08
N LEU A 239 14.00 0.57 -23.45
CA LEU A 239 13.97 1.94 -22.87
C LEU A 239 13.14 1.91 -21.59
N THR A 240 13.55 2.73 -20.64
CA THR A 240 12.98 2.86 -19.28
C THR A 240 12.78 4.34 -18.98
N CYS A 241 11.87 4.61 -18.04
CA CYS A 241 11.63 5.93 -17.44
C CYS A 241 10.86 5.73 -16.14
N CYS A 242 11.03 6.61 -15.14
CA CYS A 242 11.91 7.77 -15.14
C CYS A 242 12.78 7.76 -13.87
N ASP A 243 12.94 6.61 -13.21
CA ASP A 243 13.68 6.47 -11.94
C ASP A 243 13.23 7.57 -10.96
N GLY A 244 11.92 7.74 -10.80
CA GLY A 244 11.33 8.69 -9.84
C GLY A 244 11.84 8.45 -8.43
N VAL A 245 11.99 9.54 -7.67
CA VAL A 245 12.61 9.53 -6.32
C VAL A 245 11.74 8.68 -5.39
N GLY A 246 10.45 8.58 -5.70
CA GLY A 246 9.52 7.67 -5.00
C GLY A 246 8.51 7.04 -5.95
N TRP A 247 7.72 6.11 -5.43
CA TRP A 247 6.78 5.29 -6.24
C TRP A 247 5.64 6.18 -6.71
N SER A 248 5.09 6.97 -5.81
CA SER A 248 3.95 7.86 -6.10
C SER A 248 4.46 9.05 -6.94
N GLU A 249 5.74 9.41 -6.82
CA GLU A 249 6.40 10.43 -7.69
C GLU A 249 6.48 9.88 -9.12
N GLN A 250 6.83 8.59 -9.27
CA GLN A 250 6.85 7.93 -10.60
C GLN A 250 5.41 7.83 -11.13
N GLU A 251 4.45 7.44 -10.28
CA GLU A 251 3.02 7.32 -10.67
C GLU A 251 2.53 8.64 -11.29
N ALA A 252 2.90 9.77 -10.69
CA ALA A 252 2.54 11.14 -11.10
C ALA A 252 3.02 11.46 -12.53
N MET A 253 4.09 10.83 -13.02
CA MET A 253 4.66 11.08 -14.37
C MET A 253 3.99 10.23 -15.46
N ILE A 254 3.35 9.12 -15.08
CA ILE A 254 2.88 8.07 -16.03
C ILE A 254 1.79 8.63 -16.95
N PRO A 255 0.82 9.45 -16.49
CA PRO A 255 -0.18 10.00 -17.40
C PRO A 255 0.48 10.81 -18.53
N GLY A 256 1.55 11.55 -18.20
CA GLY A 256 2.41 12.26 -19.19
C GLY A 256 2.97 11.30 -20.23
N LEU A 257 3.46 10.14 -19.79
CA LEU A 257 4.05 9.07 -20.64
C LEU A 257 2.97 8.39 -21.47
N GLN A 258 1.68 8.57 -21.12
CA GLN A 258 0.52 7.89 -21.78
C GLN A 258 -0.21 8.84 -22.74
N VAL A 259 0.12 10.14 -22.77
CA VAL A 259 -0.48 11.13 -23.70
C VAL A 259 -0.15 10.70 -25.15
N VAL A 260 -1.18 10.51 -25.98
CA VAL A 260 -1.01 10.16 -27.41
C VAL A 260 -0.86 11.48 -28.19
N GLY A 261 0.28 11.68 -28.82
CA GLY A 261 0.53 12.89 -29.63
C GLY A 261 -0.06 12.77 -31.02
N PRO A 262 0.04 13.84 -31.84
CA PRO A 262 -0.49 13.79 -33.21
C PRO A 262 0.14 12.68 -34.06
N ASP A 263 1.30 12.13 -33.67
CA ASP A 263 1.96 10.99 -34.37
C ASP A 263 1.27 9.65 -34.06
N GLY A 264 0.25 9.65 -33.20
CA GLY A 264 -0.52 8.42 -32.87
C GLY A 264 0.16 7.56 -31.83
N LYS A 265 1.26 8.03 -31.22
CA LYS A 265 2.05 7.24 -30.25
C LYS A 265 2.16 8.00 -28.92
N SER A 266 2.22 7.25 -27.82
CA SER A 266 2.68 7.72 -26.50
C SER A 266 4.16 7.34 -26.33
N ALA A 267 4.86 7.98 -25.40
CA ALA A 267 6.16 7.55 -24.86
C ALA A 267 6.07 6.10 -24.38
N GLU A 268 4.99 5.75 -23.70
CA GLU A 268 4.72 4.37 -23.23
C GLU A 268 4.87 3.37 -24.39
N ASP A 269 4.46 3.71 -25.61
CA ASP A 269 4.61 2.81 -26.80
C ASP A 269 6.08 2.51 -27.07
N TYR A 270 7.03 3.38 -26.67
CA TYR A 270 8.49 3.22 -26.89
C TYR A 270 9.15 2.54 -25.68
N LEU A 271 8.57 2.67 -24.48
CA LEU A 271 9.12 2.13 -23.20
C LEU A 271 8.86 0.64 -23.11
N SER A 272 9.85 -0.10 -22.60
CA SER A 272 9.72 -1.53 -22.21
C SER A 272 9.45 -1.62 -20.71
N VAL A 273 10.02 -0.70 -19.90
CA VAL A 273 10.01 -0.81 -18.41
C VAL A 273 9.79 0.58 -17.81
N VAL A 274 8.89 0.69 -16.84
CA VAL A 274 8.69 1.90 -16.02
C VAL A 274 9.36 1.64 -14.67
N THR A 275 10.20 2.59 -14.25
CA THR A 275 11.15 2.44 -13.12
C THR A 275 10.85 3.51 -12.07
N GLY A 276 10.96 3.15 -10.80
CA GLY A 276 10.89 4.12 -9.69
C GLY A 276 11.77 3.68 -8.53
N HIS A 277 12.11 4.62 -7.66
CA HIS A 277 12.85 4.39 -6.39
C HIS A 277 11.85 4.26 -5.24
N GLY A 278 12.34 3.93 -4.04
CA GLY A 278 11.51 3.73 -2.84
C GLY A 278 11.65 4.84 -1.80
N TYR A 279 12.56 5.79 -2.01
CA TYR A 279 12.97 6.80 -0.98
C TYR A 279 11.80 7.68 -0.51
N SER A 280 11.13 8.42 -1.41
CA SER A 280 10.09 9.41 -1.03
C SER A 280 8.74 8.69 -0.80
N SER A 281 8.61 7.46 -1.25
CA SER A 281 7.46 6.57 -0.97
C SER A 281 7.74 5.20 -1.56
N ALA A 282 7.33 4.15 -0.84
CA ALA A 282 7.72 2.74 -1.08
C ALA A 282 6.84 2.11 -2.15
N PRO A 283 7.34 1.13 -2.93
CA PRO A 283 6.47 0.33 -3.80
C PRO A 283 5.52 -0.55 -2.99
N THR A 284 4.31 -0.04 -2.74
CA THR A 284 3.20 -0.69 -1.98
C THR A 284 1.90 -0.75 -2.79
N PHE A 285 1.87 -0.28 -4.04
CA PHE A 285 0.69 -0.31 -4.95
C PHE A 285 1.16 -0.42 -6.40
N PRO A 286 0.35 -1.00 -7.31
CA PRO A 286 0.77 -1.13 -8.71
C PRO A 286 0.72 0.21 -9.44
N LEU A 287 1.79 0.54 -10.17
CA LEU A 287 1.81 1.67 -11.12
C LEU A 287 0.77 1.42 -12.20
N SER A 288 0.11 2.46 -12.71
CA SER A 288 -1.02 2.37 -13.68
C SER A 288 -0.50 2.39 -15.12
N THR A 289 0.58 1.64 -15.39
CA THR A 289 1.14 1.42 -16.75
C THR A 289 0.83 -0.03 -17.16
N LYS A 290 0.78 -0.28 -18.47
CA LYS A 290 0.64 -1.63 -19.08
C LYS A 290 2.02 -2.31 -19.17
N ARG A 291 3.11 -1.58 -18.93
CA ARG A 291 4.50 -2.12 -19.03
C ARG A 291 4.89 -2.79 -17.70
N ARG A 292 5.84 -3.71 -17.75
CA ARG A 292 6.59 -4.19 -16.56
C ARG A 292 7.13 -2.99 -15.78
N THR A 293 7.14 -3.09 -14.45
CA THR A 293 7.71 -2.05 -13.56
C THR A 293 8.88 -2.64 -12.78
N TRP A 294 9.87 -1.80 -12.52
CA TRP A 294 11.10 -2.14 -11.74
C TRP A 294 11.23 -1.13 -10.59
N LEU A 295 11.55 -1.63 -9.41
CA LEU A 295 12.12 -0.84 -8.31
C LEU A 295 13.63 -0.82 -8.58
N THR A 296 14.21 0.35 -8.89
CA THR A 296 15.55 0.44 -9.51
C THR A 296 16.58 1.03 -8.56
N GLU A 297 16.15 1.59 -7.43
CA GLU A 297 17.09 2.12 -6.42
C GLU A 297 16.38 2.25 -5.09
N TRP A 298 17.02 1.73 -4.04
CA TRP A 298 16.51 1.81 -2.66
C TRP A 298 17.62 1.31 -1.73
N THR A 299 17.71 1.89 -0.53
CA THR A 299 18.68 1.52 0.53
C THR A 299 18.23 2.27 1.79
N ASP A 300 18.98 2.10 2.88
CA ASP A 300 18.85 2.89 4.13
C ASP A 300 19.94 3.97 4.12
N LEU A 301 19.56 5.25 4.06
CA LEU A 301 20.52 6.40 4.00
C LEU A 301 20.68 7.08 5.37
N SER A 302 20.16 6.48 6.45
CA SER A 302 20.19 7.02 7.84
C SER A 302 21.63 7.28 8.32
N GLY A 303 22.60 6.49 7.87
CA GLY A 303 24.00 6.52 8.32
C GLY A 303 24.29 5.53 9.44
N ALA A 304 23.25 4.83 9.92
CA ALA A 304 23.35 3.72 10.90
C ALA A 304 24.17 2.57 10.30
N PHE A 305 24.68 1.70 11.16
CA PHE A 305 25.50 0.51 10.79
C PHE A 305 24.93 -0.75 11.46
N THR A 306 24.20 -1.59 10.71
CA THR A 306 23.53 -2.79 11.27
C THR A 306 23.71 -3.97 10.32
N PRO A 307 24.96 -4.50 10.18
CA PRO A 307 25.22 -5.60 9.27
C PRO A 307 24.71 -6.97 9.72
N TYR A 308 24.55 -7.21 11.02
CA TYR A 308 24.26 -8.56 11.58
C TYR A 308 22.79 -8.71 11.99
N THR A 309 22.02 -7.62 11.99
CA THR A 309 20.63 -7.62 12.52
C THR A 309 19.64 -7.98 11.40
N PHE A 310 19.02 -9.16 11.53
CA PHE A 310 17.82 -9.52 10.76
C PHE A 310 16.61 -8.86 11.44
N PHE A 311 16.43 -9.07 12.74
CA PHE A 311 15.37 -8.37 13.51
C PHE A 311 15.90 -7.93 14.89
N ALA A 312 15.60 -6.68 15.25
CA ALA A 312 15.82 -6.09 16.59
C ALA A 312 14.61 -5.21 16.98
N ASP A 313 14.39 -4.09 16.26
CA ASP A 313 13.29 -3.13 16.55
C ASP A 313 12.65 -2.59 15.25
N GLY A 314 12.82 -3.28 14.11
CA GLY A 314 12.23 -2.85 12.82
C GLY A 314 12.92 -1.64 12.22
N GLY A 315 14.18 -1.39 12.62
CA GLY A 315 15.06 -0.36 12.05
C GLY A 315 15.17 -0.46 10.54
N ALA A 316 15.55 0.64 9.91
CA ALA A 316 15.49 0.84 8.45
C ALA A 316 16.55 -0.02 7.76
N GLY A 317 17.59 -0.46 8.48
CA GLY A 317 18.72 -1.23 7.94
C GLY A 317 18.65 -2.73 8.24
N GLU A 318 17.57 -3.19 8.87
CA GLU A 318 17.47 -4.59 9.35
C GLU A 318 17.17 -5.53 8.18
N GLY A 319 17.69 -6.75 8.24
CA GLY A 319 17.36 -7.81 7.28
C GLY A 319 15.88 -7.93 7.01
N MET A 320 15.05 -7.99 8.04
CA MET A 320 13.61 -8.32 7.88
C MET A 320 12.89 -7.15 7.23
N THR A 321 13.31 -5.92 7.54
CA THR A 321 12.75 -4.71 6.91
C THR A 321 12.85 -4.89 5.39
N TRP A 322 14.00 -5.36 4.89
CA TRP A 322 14.29 -5.46 3.43
C TRP A 322 13.61 -6.71 2.85
N ALA A 323 13.57 -7.80 3.60
CA ALA A 323 12.82 -9.01 3.22
C ALA A 323 11.37 -8.59 2.92
N ASN A 324 10.79 -7.76 3.79
CA ASN A 324 9.39 -7.25 3.67
C ASN A 324 9.25 -6.22 2.54
N HIS A 325 10.22 -5.32 2.36
CA HIS A 325 10.24 -4.36 1.22
C HIS A 325 10.16 -5.15 -0.09
N ILE A 326 10.99 -6.17 -0.21
CA ILE A 326 11.07 -6.99 -1.44
C ILE A 326 9.72 -7.70 -1.64
N GLN A 327 9.23 -8.40 -0.62
CA GLN A 327 8.00 -9.22 -0.76
C GLN A 327 6.82 -8.30 -1.11
N THR A 328 6.75 -7.13 -0.50
CA THR A 328 5.65 -6.14 -0.71
C THR A 328 5.72 -5.63 -2.15
N ALA A 329 6.92 -5.34 -2.65
CA ALA A 329 7.13 -4.81 -4.02
C ALA A 329 6.57 -5.79 -5.05
N PHE A 330 6.79 -7.10 -4.86
CA PHE A 330 6.30 -8.15 -5.81
C PHE A 330 4.82 -8.42 -5.59
N VAL A 331 4.38 -8.52 -4.33
CA VAL A 331 3.02 -9.02 -3.97
C VAL A 331 2.02 -7.87 -4.08
N ASN A 332 2.37 -6.65 -3.66
CA ASN A 332 1.43 -5.50 -3.60
C ASN A 332 1.74 -4.43 -4.66
N ALA A 333 3.00 -4.26 -5.09
CA ALA A 333 3.37 -3.22 -6.06
C ALA A 333 3.61 -3.79 -7.46
N ASN A 334 3.55 -5.11 -7.61
CA ASN A 334 3.46 -5.75 -8.96
C ASN A 334 4.75 -5.54 -9.75
N VAL A 335 5.91 -5.48 -9.11
CA VAL A 335 7.19 -5.19 -9.83
C VAL A 335 7.67 -6.48 -10.48
N SER A 336 8.52 -6.34 -11.49
CA SER A 336 9.22 -7.44 -12.19
C SER A 336 10.69 -7.50 -11.76
N ALA A 337 11.18 -6.48 -11.06
CA ALA A 337 12.58 -6.47 -10.56
C ALA A 337 12.73 -5.56 -9.35
N PHE A 338 13.74 -5.87 -8.54
CA PHE A 338 14.12 -5.13 -7.33
C PHE A 338 15.64 -4.94 -7.32
N ILE A 339 16.06 -3.68 -7.45
CA ILE A 339 17.48 -3.27 -7.57
C ILE A 339 17.81 -2.41 -6.35
N TYR A 340 18.66 -2.93 -5.47
CA TYR A 340 19.19 -2.18 -4.31
C TYR A 340 20.09 -1.07 -4.85
N TRP A 341 20.42 -0.07 -4.03
CA TRP A 341 21.40 0.97 -4.41
C TRP A 341 22.80 0.32 -4.55
N ILE A 342 23.75 0.57 -3.65
CA ILE A 342 25.14 0.07 -3.81
C ILE A 342 25.20 -1.39 -3.33
N GLY A 343 25.86 -2.26 -4.10
CA GLY A 343 26.08 -3.67 -3.72
C GLY A 343 27.09 -3.77 -2.58
N ALA A 344 28.34 -3.37 -2.87
CA ALA A 344 29.49 -3.44 -1.94
C ALA A 344 30.26 -2.12 -1.97
N GLU A 345 30.57 -1.57 -0.80
CA GLU A 345 31.35 -0.32 -0.69
C GLU A 345 32.17 -0.33 0.60
N ASN A 346 33.29 0.39 0.56
CA ASN A 346 34.14 0.67 1.74
C ASN A 346 33.40 1.69 2.61
N SER A 347 32.67 1.20 3.62
CA SER A 347 31.89 2.06 4.57
C SER A 347 31.49 1.23 5.80
N THR A 348 31.10 1.93 6.85
CA THR A 348 30.41 1.36 8.03
C THR A 348 29.05 2.08 8.12
N THR A 349 28.29 2.06 7.03
CA THR A 349 26.87 2.50 6.95
C THR A 349 26.06 1.39 6.28
N ASN A 350 24.73 1.59 6.18
CA ASN A 350 23.77 0.62 5.59
C ASN A 350 23.44 1.02 4.14
N SER A 351 24.20 1.92 3.51
CA SER A 351 23.87 2.41 2.16
C SER A 351 24.19 1.31 1.13
N GLY A 352 25.17 0.45 1.43
CA GLY A 352 25.51 -0.76 0.63
C GLY A 352 24.96 -2.02 1.28
N MET A 353 24.77 -3.10 0.52
CA MET A 353 24.36 -4.44 1.04
C MET A 353 25.54 -5.18 1.69
N ILE A 354 26.73 -5.01 1.13
CA ILE A 354 27.99 -5.68 1.61
C ILE A 354 28.95 -4.57 2.05
N ASN A 355 29.32 -4.57 3.33
CA ASN A 355 30.31 -3.63 3.90
C ASN A 355 31.72 -4.18 3.67
N LEU A 356 32.58 -3.38 3.04
CA LEU A 356 34.04 -3.63 2.95
C LEU A 356 34.71 -2.74 4.01
N ILE A 357 35.62 -3.31 4.79
CA ILE A 357 36.43 -2.53 5.77
C ILE A 357 37.89 -2.84 5.47
N ASN A 358 38.47 -2.07 4.54
CA ASN A 358 39.79 -2.36 3.93
C ASN A 358 39.72 -3.80 3.40
N ASP A 359 40.57 -4.70 3.86
CA ASP A 359 40.57 -6.11 3.37
C ASP A 359 39.66 -6.96 4.27
N GLU A 360 38.36 -6.68 4.27
CA GLU A 360 37.37 -7.36 5.12
C GLU A 360 36.02 -7.28 4.44
N VAL A 361 35.31 -8.42 4.32
CA VAL A 361 33.98 -8.51 3.65
C VAL A 361 32.92 -8.88 4.69
N ILE A 362 31.97 -7.99 4.93
CA ILE A 362 30.84 -8.23 5.89
C ILE A 362 29.54 -8.10 5.11
N PRO A 363 28.97 -9.22 4.61
CA PRO A 363 27.67 -9.17 3.95
C PRO A 363 26.58 -8.94 5.00
N SER A 364 25.69 -7.95 4.79
CA SER A 364 24.60 -7.62 5.73
C SER A 364 23.45 -8.64 5.59
N LYS A 365 22.53 -8.64 6.56
CA LYS A 365 21.27 -9.43 6.48
C LYS A 365 20.39 -8.87 5.35
N ARG A 366 20.55 -7.60 5.00
CA ARG A 366 19.87 -7.01 3.82
C ARG A 366 20.33 -7.76 2.55
N PHE A 367 21.62 -8.03 2.43
CA PHE A 367 22.18 -8.81 1.30
C PHE A 367 21.60 -10.22 1.29
N TRP A 368 21.59 -10.90 2.43
CA TRP A 368 21.14 -12.32 2.52
C TRP A 368 19.64 -12.39 2.21
N SER A 369 18.88 -11.36 2.55
CA SER A 369 17.45 -11.23 2.19
C SER A 369 17.30 -11.17 0.66
N MET A 370 18.04 -10.29 0.00
CA MET A 370 18.06 -10.18 -1.49
C MET A 370 18.49 -11.52 -2.08
N ALA A 371 19.55 -12.13 -1.54
CA ALA A 371 20.14 -13.41 -2.01
C ALA A 371 19.08 -14.53 -1.94
N SER A 372 18.27 -14.58 -0.88
CA SER A 372 17.21 -15.60 -0.72
C SER A 372 16.22 -15.52 -1.89
N PHE A 373 15.78 -14.32 -2.25
CA PHE A 373 14.87 -14.09 -3.41
C PHE A 373 15.62 -14.44 -4.72
N SER A 374 16.75 -13.81 -4.95
CA SER A 374 17.50 -13.80 -6.23
C SER A 374 18.01 -15.20 -6.61
N LYS A 375 18.54 -15.95 -5.63
CA LYS A 375 19.15 -17.27 -5.86
C LYS A 375 18.14 -18.22 -6.52
N PHE A 376 16.86 -18.13 -6.15
CA PHE A 376 15.82 -19.14 -6.52
C PHE A 376 14.72 -18.54 -7.41
N VAL A 377 14.57 -17.21 -7.47
CA VAL A 377 13.58 -16.56 -8.37
C VAL A 377 14.35 -15.99 -9.56
N ARG A 378 14.50 -16.82 -10.58
CA ARG A 378 15.39 -16.62 -11.76
C ARG A 378 14.62 -15.90 -12.86
N PRO A 379 15.32 -15.23 -13.80
CA PRO A 379 14.68 -14.52 -14.90
C PRO A 379 13.59 -15.34 -15.60
N ASN A 380 12.49 -14.65 -15.93
CA ASN A 380 11.31 -15.18 -16.65
C ASN A 380 10.48 -16.07 -15.71
N ALA A 381 10.79 -16.12 -14.41
CA ALA A 381 9.87 -16.70 -13.41
C ALA A 381 8.56 -15.91 -13.46
N GLN A 382 7.45 -16.58 -13.13
N GLN A 382 7.43 -16.57 -13.17
CA GLN A 382 6.10 -15.98 -13.00
CA GLN A 382 6.12 -15.88 -13.02
C GLN A 382 5.70 -15.96 -11.52
C GLN A 382 5.69 -15.94 -11.55
N ARG A 383 5.31 -14.80 -10.97
CA ARG A 383 4.71 -14.76 -9.63
C ARG A 383 3.36 -15.50 -9.69
N VAL A 384 3.06 -16.30 -8.68
CA VAL A 384 1.80 -17.10 -8.61
C VAL A 384 1.14 -16.78 -7.26
N LYS A 385 -0.14 -17.09 -7.13
CA LYS A 385 -0.93 -16.76 -5.91
C LYS A 385 -0.38 -17.59 -4.74
N ALA A 386 -0.23 -16.94 -3.60
CA ALA A 386 0.14 -17.56 -2.31
C ALA A 386 -0.56 -16.79 -1.20
N THR A 387 -1.33 -17.49 -0.37
CA THR A 387 -2.11 -16.91 0.74
C THR A 387 -1.62 -17.55 2.05
N SER A 388 -1.70 -16.79 3.13
CA SER A 388 -1.40 -17.21 4.51
C SER A 388 -2.65 -17.00 5.38
N SER A 389 -2.95 -17.95 6.26
CA SER A 389 -4.10 -17.90 7.20
C SER A 389 -3.77 -17.02 8.41
N ASP A 390 -2.55 -16.49 8.53
CA ASP A 390 -2.19 -15.60 9.67
C ASP A 390 -1.27 -14.48 9.22
N ALA A 391 -1.60 -13.25 9.61
CA ALA A 391 -0.93 -12.00 9.15
C ALA A 391 0.52 -11.93 9.67
N SER A 392 0.87 -12.65 10.74
CA SER A 392 2.26 -12.68 11.26
C SER A 392 3.19 -13.41 10.27
N VAL A 393 2.62 -14.17 9.32
CA VAL A 393 3.34 -15.01 8.32
C VAL A 393 2.94 -14.55 6.91
N THR A 394 3.83 -13.83 6.23
CA THR A 394 3.57 -13.24 4.89
C THR A 394 4.33 -14.07 3.84
N VAL A 395 3.72 -14.27 2.68
CA VAL A 395 4.17 -15.26 1.67
C VAL A 395 4.13 -14.66 0.27
N SER A 396 5.09 -15.08 -0.54
CA SER A 396 5.15 -14.90 -2.01
C SER A 396 5.57 -16.23 -2.61
N ALA A 397 5.23 -16.45 -3.88
CA ALA A 397 5.56 -17.69 -4.61
C ALA A 397 5.77 -17.36 -6.09
N PHE A 398 6.79 -17.97 -6.69
CA PHE A 398 7.16 -17.81 -8.11
C PHE A 398 7.36 -19.20 -8.69
N GLU A 399 6.99 -19.40 -9.96
CA GLU A 399 7.32 -20.62 -10.72
C GLU A 399 8.34 -20.24 -11.78
N ASN A 400 9.53 -20.83 -11.71
CA ASN A 400 10.60 -20.71 -12.74
C ASN A 400 10.17 -21.44 -14.03
N THR A 401 10.82 -21.11 -15.14
CA THR A 401 10.54 -21.68 -16.49
C THR A 401 10.87 -23.18 -16.48
N ASN A 402 11.86 -23.62 -15.70
CA ASN A 402 12.25 -25.05 -15.56
C ASN A 402 11.29 -25.79 -14.61
N GLY A 403 10.32 -25.10 -14.00
CA GLY A 403 9.29 -25.70 -13.14
C GLY A 403 9.62 -25.65 -11.65
N VAL A 404 10.83 -25.23 -11.26
CA VAL A 404 11.16 -25.05 -9.81
C VAL A 404 10.23 -23.98 -9.24
N VAL A 405 9.54 -24.30 -8.15
CA VAL A 405 8.69 -23.37 -7.36
C VAL A 405 9.50 -22.90 -6.16
N ALA A 406 9.56 -21.58 -5.98
CA ALA A 406 10.26 -20.88 -4.88
C ALA A 406 9.22 -20.09 -4.08
N ILE A 407 9.05 -20.43 -2.80
CA ILE A 407 8.06 -19.80 -1.88
C ILE A 407 8.83 -19.12 -0.75
N GLN A 408 8.70 -17.81 -0.61
CA GLN A 408 9.39 -17.01 0.44
C GLN A 408 8.37 -16.73 1.54
N VAL A 409 8.68 -17.15 2.77
CA VAL A 409 7.80 -17.04 3.97
C VAL A 409 8.53 -16.18 5.00
N ILE A 410 7.98 -15.02 5.34
CA ILE A 410 8.49 -14.17 6.45
C ILE A 410 7.62 -14.47 7.67
N ASN A 411 8.22 -15.00 8.72
CA ASN A 411 7.57 -15.18 10.04
C ASN A 411 7.97 -13.98 10.90
N ASN A 412 7.07 -13.01 11.08
CA ASN A 412 7.32 -11.87 12.00
C ASN A 412 6.69 -12.15 13.37
N GLY A 413 6.33 -13.41 13.65
CA GLY A 413 5.95 -13.84 15.00
C GLY A 413 7.14 -13.78 15.95
N THR A 414 6.86 -13.62 17.25
CA THR A 414 7.86 -13.73 18.35
C THR A 414 8.12 -15.21 18.67
N SER A 415 7.28 -16.14 18.20
CA SER A 415 7.56 -17.59 18.31
C SER A 415 7.51 -18.26 16.94
N ALA A 416 8.10 -19.46 16.86
CA ALA A 416 8.12 -20.32 15.68
C ALA A 416 6.68 -20.56 15.18
N ALA A 417 6.52 -20.69 13.87
CA ALA A 417 5.23 -20.98 13.21
C ALA A 417 5.28 -22.41 12.65
N SER A 418 4.28 -23.24 12.97
CA SER A 418 4.01 -24.54 12.31
C SER A 418 3.18 -24.29 11.06
N LEU A 419 3.74 -24.53 9.88
CA LEU A 419 3.09 -24.29 8.58
C LEU A 419 2.60 -25.62 7.98
N THR A 420 1.40 -25.59 7.41
CA THR A 420 0.91 -26.56 6.40
C THR A 420 0.97 -25.84 5.06
N ILE A 421 1.77 -26.32 4.12
CA ILE A 421 1.91 -25.68 2.78
C ILE A 421 1.32 -26.61 1.73
N ASP A 422 0.32 -26.12 1.01
CA ASP A 422 -0.46 -26.85 -0.03
C ASP A 422 -0.10 -26.21 -1.38
N LEU A 423 0.56 -26.96 -2.27
CA LEU A 423 0.99 -26.45 -3.59
C LEU A 423 -0.15 -26.56 -4.61
N GLY A 424 -1.29 -27.17 -4.22
CA GLY A 424 -2.44 -27.42 -5.12
C GLY A 424 -2.05 -28.29 -6.29
N LYS A 425 -2.78 -28.17 -7.40
CA LYS A 425 -2.56 -28.93 -8.66
C LYS A 425 -1.31 -28.36 -9.36
N THR A 426 -0.31 -29.20 -9.61
CA THR A 426 0.95 -28.83 -10.31
C THR A 426 1.03 -29.61 -11.63
N HIS A 427 2.04 -29.30 -12.45
CA HIS A 427 2.27 -29.92 -13.77
C HIS A 427 2.68 -31.39 -13.55
N LYS A 428 3.80 -31.60 -12.84
CA LYS A 428 4.30 -32.93 -12.40
C LYS A 428 3.59 -33.33 -11.11
N GLU A 429 4.27 -34.08 -10.23
CA GLU A 429 4.01 -34.10 -8.76
C GLU A 429 5.30 -33.63 -8.07
N VAL A 430 5.16 -32.97 -6.92
CA VAL A 430 6.30 -32.49 -6.08
C VAL A 430 6.54 -33.54 -4.99
N LYS A 431 7.79 -33.94 -4.79
CA LYS A 431 8.17 -35.04 -3.84
C LYS A 431 9.08 -34.52 -2.72
N LYS A 432 9.91 -33.53 -3.02
CA LYS A 432 10.91 -32.96 -2.09
C LYS A 432 10.86 -31.44 -2.17
N VAL A 433 11.10 -30.77 -1.04
CA VAL A 433 11.25 -29.30 -0.95
C VAL A 433 12.36 -29.00 0.05
N VAL A 434 13.22 -28.03 -0.26
CA VAL A 434 14.41 -27.68 0.57
C VAL A 434 14.21 -26.29 1.18
N PRO A 435 14.23 -26.14 2.53
CA PRO A 435 14.17 -24.83 3.16
C PRO A 435 15.56 -24.17 3.21
N TRP A 436 15.63 -22.85 2.97
CA TRP A 436 16.82 -21.98 3.12
C TRP A 436 16.44 -20.82 4.03
N VAL A 437 17.12 -20.68 5.16
CA VAL A 437 16.66 -19.80 6.27
C VAL A 437 17.63 -18.62 6.42
N THR A 438 17.08 -17.44 6.66
CA THR A 438 17.77 -16.19 7.00
C THR A 438 17.14 -15.65 8.29
N SER A 439 17.96 -15.38 9.31
CA SER A 439 17.52 -14.84 10.62
C SER A 439 18.70 -14.17 11.32
N ASN A 440 18.54 -13.81 12.59
CA ASN A 440 19.65 -13.33 13.45
C ASN A 440 20.75 -14.40 13.51
N ASP A 441 20.40 -15.69 13.37
CA ASP A 441 21.30 -16.84 13.62
C ASP A 441 21.81 -17.45 12.30
N TYR A 442 21.16 -17.16 11.18
CA TYR A 442 21.47 -17.78 9.86
C TYR A 442 21.57 -16.69 8.78
N ASP A 443 22.48 -16.90 7.85
CA ASP A 443 22.66 -16.04 6.65
C ASP A 443 21.71 -16.54 5.56
N LEU A 444 22.06 -17.66 4.92
CA LEU A 444 21.21 -18.35 3.94
C LEU A 444 21.48 -19.84 4.07
N GLU A 445 20.96 -20.44 5.14
CA GLU A 445 21.35 -21.78 5.63
C GLU A 445 20.43 -22.84 5.01
N GLU A 446 20.99 -23.75 4.22
CA GLU A 446 20.25 -24.88 3.64
C GLU A 446 19.94 -25.89 4.74
N MET A 447 18.66 -26.21 4.94
CA MET A 447 18.20 -27.22 5.93
C MET A 447 17.93 -28.55 5.21
N SER A 448 17.67 -29.62 5.96
CA SER A 448 17.33 -30.97 5.44
C SER A 448 16.09 -30.87 4.56
N GLU A 449 16.03 -31.65 3.48
CA GLU A 449 14.87 -31.73 2.57
C GLU A 449 13.66 -32.24 3.37
N ILE A 450 12.46 -31.86 2.92
CA ILE A 450 11.14 -32.24 3.51
C ILE A 450 10.41 -33.07 2.47
N ASP A 451 9.82 -34.20 2.87
CA ASP A 451 8.97 -35.05 1.99
C ASP A 451 7.67 -34.31 1.73
N VAL A 452 7.28 -34.23 0.46
CA VAL A 452 5.99 -33.64 0.00
C VAL A 452 5.06 -34.80 -0.39
N LYS A 453 3.93 -34.92 0.30
CA LYS A 453 2.91 -35.98 0.13
C LYS A 453 1.61 -35.30 -0.34
N HIS A 454 1.06 -35.73 -1.48
CA HIS A 454 -0.18 -35.17 -2.08
C HIS A 454 0.00 -33.67 -2.32
N ASN A 455 1.20 -33.24 -2.72
CA ASN A 455 1.54 -31.82 -3.04
C ASN A 455 1.32 -30.93 -1.81
N SER A 456 1.57 -31.47 -0.62
CA SER A 456 1.43 -30.76 0.68
C SER A 456 2.54 -31.24 1.62
N PHE A 457 3.09 -30.33 2.44
CA PHE A 457 4.14 -30.67 3.43
C PHE A 457 3.98 -29.82 4.68
N LEU A 458 4.50 -30.33 5.79
CA LEU A 458 4.61 -29.60 7.08
C LEU A 458 6.02 -29.02 7.18
N ALA A 459 6.16 -27.89 7.86
CA ALA A 459 7.44 -27.20 8.10
C ALA A 459 7.27 -26.20 9.24
N SER A 460 8.25 -26.15 10.14
CA SER A 460 8.40 -25.09 11.15
C SER A 460 9.31 -24.02 10.58
N VAL A 461 9.02 -22.76 10.88
CA VAL A 461 9.90 -21.61 10.54
C VAL A 461 10.18 -20.86 11.83
N PRO A 462 11.43 -20.49 12.13
CA PRO A 462 11.73 -19.78 13.36
C PRO A 462 11.06 -18.40 13.48
N ALA A 463 10.96 -17.93 14.72
CA ALA A 463 10.64 -16.53 15.08
C ALA A 463 11.52 -15.60 14.25
N ARG A 464 10.93 -14.51 13.75
CA ARG A 464 11.64 -13.38 13.10
C ARG A 464 12.58 -13.91 12.02
N SER A 465 12.05 -14.64 11.04
CA SER A 465 12.88 -15.32 10.02
C SER A 465 12.31 -15.14 8.62
N LEU A 466 13.18 -15.30 7.62
CA LEU A 466 12.82 -15.52 6.20
C LEU A 466 13.23 -16.95 5.85
N THR A 467 12.31 -17.73 5.29
CA THR A 467 12.58 -19.08 4.75
C THR A 467 12.15 -19.10 3.29
N SER A 468 13.07 -19.53 2.40
CA SER A 468 12.78 -19.87 0.99
C SER A 468 12.63 -21.38 0.89
N PHE A 469 11.43 -21.85 0.54
CA PHE A 469 11.12 -23.28 0.25
C PHE A 469 11.25 -23.48 -1.26
N VAL A 470 12.16 -24.35 -1.68
CA VAL A 470 12.53 -24.55 -3.10
C VAL A 470 12.23 -26.01 -3.47
N THR A 471 11.35 -26.24 -4.45
CA THR A 471 10.96 -27.61 -4.87
C THR A 471 12.14 -28.23 -5.63
N GLU A 472 12.45 -29.49 -5.32
CA GLU A 472 13.48 -30.30 -6.03
C GLU A 472 12.74 -31.23 -7.00
N CYS A 473 13.47 -31.79 -7.96
CA CYS A 473 12.94 -32.72 -8.98
C CYS A 473 13.75 -34.03 -8.96
N ILE B 20 4.09 24.70 -6.68
CA ILE B 20 4.24 23.79 -7.86
C ILE B 20 2.94 23.82 -8.68
N ASP B 21 3.03 23.58 -9.99
CA ASP B 21 1.88 23.43 -10.92
C ASP B 21 1.52 21.94 -11.00
N ALA B 22 0.24 21.59 -10.93
CA ALA B 22 -0.23 20.19 -11.04
C ALA B 22 -1.42 20.13 -11.99
N GLN B 23 -1.39 19.17 -12.92
CA GLN B 23 -2.49 18.84 -13.84
C GLN B 23 -3.24 17.65 -13.21
N ILE B 24 -4.54 17.84 -12.95
CA ILE B 24 -5.45 16.77 -12.44
C ILE B 24 -6.40 16.38 -13.57
N ASN B 25 -6.50 15.09 -13.86
CA ASN B 25 -7.39 14.49 -14.90
C ASN B 25 -8.39 13.56 -14.20
N VAL B 26 -9.68 13.85 -14.35
CA VAL B 26 -10.79 12.97 -13.91
C VAL B 26 -11.37 12.33 -15.18
N ASP B 27 -11.59 11.01 -15.17
CA ASP B 27 -12.20 10.24 -16.28
C ASP B 27 -13.43 9.51 -15.77
N LEU B 28 -14.64 10.00 -16.06
CA LEU B 28 -15.93 9.46 -15.54
C LEU B 28 -16.26 8.10 -16.19
N GLN B 29 -15.58 7.75 -17.27
CA GLN B 29 -15.75 6.47 -18.01
C GLN B 29 -14.87 5.37 -17.40
N ALA B 30 -13.93 5.72 -16.51
CA ALA B 30 -13.11 4.75 -15.75
C ALA B 30 -13.65 4.69 -14.32
N ARG B 31 -14.58 3.75 -14.08
CA ARG B 31 -15.43 3.66 -12.87
C ARG B 31 -14.95 2.48 -12.03
N TYR B 32 -15.02 2.62 -10.71
CA TYR B 32 -14.48 1.63 -9.75
C TYR B 32 -15.60 1.28 -8.76
N GLN B 33 -15.29 1.23 -7.47
CA GLN B 33 -16.22 0.71 -6.43
C GLN B 33 -17.35 1.72 -6.17
N SER B 34 -18.49 1.22 -5.73
CA SER B 34 -19.61 2.04 -5.23
C SER B 34 -19.30 2.45 -3.79
N VAL B 35 -19.93 3.52 -3.33
CA VAL B 35 -19.72 4.06 -1.95
C VAL B 35 -21.00 3.86 -1.15
N ASP B 36 -20.88 3.28 0.05
CA ASP B 36 -21.98 3.22 1.05
C ASP B 36 -21.89 4.42 1.98
N GLY B 37 -20.69 4.91 2.28
CA GLY B 37 -20.49 6.23 2.92
C GLY B 37 -19.55 6.18 4.12
N PHE B 38 -19.87 6.97 5.14
CA PHE B 38 -18.94 7.36 6.22
C PHE B 38 -19.69 7.39 7.53
N GLY B 39 -18.98 7.17 8.63
CA GLY B 39 -19.64 7.22 9.94
C GLY B 39 -18.70 6.93 11.07
N CYS B 40 -19.30 6.48 12.17
CA CYS B 40 -18.61 6.25 13.45
C CYS B 40 -19.48 5.36 14.31
N SER B 41 -18.98 5.02 15.49
CA SER B 41 -19.70 4.25 16.53
C SER B 41 -19.89 5.17 17.75
N GLN B 42 -20.87 4.84 18.58
CA GLN B 42 -21.02 5.47 19.93
C GLN B 42 -21.18 4.33 20.95
N ALA B 43 -20.44 3.23 20.74
CA ALA B 43 -20.46 2.00 21.56
C ALA B 43 -19.85 2.29 22.94
N PHE B 44 -19.92 1.30 23.85
CA PHE B 44 -19.37 1.37 25.22
C PHE B 44 -19.86 2.65 25.93
N GLN B 45 -21.15 2.97 25.76
CA GLN B 45 -21.92 4.00 26.50
C GLN B 45 -21.53 5.42 26.08
N ARG B 46 -20.80 5.60 24.97
CA ARG B 46 -20.40 6.95 24.48
C ARG B 46 -21.59 7.67 23.88
N ALA B 47 -22.63 6.95 23.44
CA ALA B 47 -23.94 7.51 23.04
C ALA B 47 -24.48 8.35 24.20
N GLU B 48 -24.30 7.91 25.46
CA GLU B 48 -24.77 8.64 26.67
C GLU B 48 -24.11 10.02 26.75
N ASP B 49 -22.85 10.17 26.33
CA ASP B 49 -22.09 11.46 26.36
C ASP B 49 -22.84 12.49 25.53
N ILE B 50 -23.29 12.08 24.34
CA ILE B 50 -24.03 12.95 23.38
C ILE B 50 -25.33 13.43 24.05
N PHE B 51 -25.97 12.62 24.91
CA PHE B 51 -27.28 12.94 25.55
C PHE B 51 -27.10 13.54 26.96
N GLY B 52 -25.89 14.00 27.31
CA GLY B 52 -25.66 14.93 28.42
C GLY B 52 -25.14 14.29 29.71
N LYS B 53 -24.67 13.04 29.66
CA LYS B 53 -24.12 12.31 30.84
C LYS B 53 -23.13 13.18 31.63
N TYR B 54 -22.28 13.96 30.95
CA TYR B 54 -21.20 14.76 31.56
C TYR B 54 -21.50 16.26 31.47
N GLY B 55 -22.76 16.62 31.25
CA GLY B 55 -23.24 18.01 31.37
C GLY B 55 -23.47 18.70 30.04
N LEU B 56 -23.39 18.00 28.91
CA LEU B 56 -23.64 18.65 27.59
C LEU B 56 -25.07 19.22 27.59
N SER B 57 -25.21 20.51 27.31
CA SER B 57 -26.53 21.19 27.26
C SER B 57 -27.36 20.63 26.10
N PRO B 58 -28.71 20.61 26.22
CA PRO B 58 -29.60 20.29 25.09
C PRO B 58 -29.29 21.02 23.78
N LYS B 59 -28.94 22.31 23.84
CA LYS B 59 -28.55 23.06 22.62
C LYS B 59 -27.37 22.33 21.96
N ASN B 60 -26.41 21.84 22.76
CA ASN B 60 -25.16 21.28 22.21
C ASN B 60 -25.33 19.79 21.91
N GLN B 61 -26.34 19.14 22.49
CA GLN B 61 -26.73 17.76 22.12
C GLN B 61 -27.29 17.79 20.71
N SER B 62 -28.16 18.76 20.41
CA SER B 62 -28.77 18.92 19.06
C SER B 62 -27.70 19.31 18.04
N TYR B 63 -26.82 20.23 18.41
CA TYR B 63 -25.67 20.69 17.58
C TYR B 63 -24.78 19.49 17.18
N VAL B 64 -24.39 18.65 18.13
CA VAL B 64 -23.52 17.45 17.88
C VAL B 64 -24.25 16.49 16.93
N LEU B 65 -25.54 16.20 17.15
CA LEU B 65 -26.29 15.28 16.25
C LEU B 65 -26.42 15.90 14.85
N ASP B 66 -26.47 17.24 14.76
CA ASP B 66 -26.50 17.96 13.46
C ASP B 66 -25.11 17.85 12.79
N LEU B 67 -24.02 18.06 13.53
CA LEU B 67 -22.64 17.92 12.99
C LEU B 67 -22.47 16.52 12.41
N MET B 68 -22.98 15.51 13.10
CA MET B 68 -22.77 14.10 12.71
C MET B 68 -23.72 13.72 11.57
N TYR B 69 -25.02 14.03 11.64
CA TYR B 69 -26.03 13.37 10.79
C TYR B 69 -26.74 14.32 9.81
N SER B 70 -26.61 15.65 9.94
CA SER B 70 -27.30 16.59 9.01
C SER B 70 -26.39 16.84 7.81
N GLU B 71 -26.89 16.60 6.60
CA GLU B 71 -26.16 16.82 5.34
C GLU B 71 -25.97 18.33 5.15
N GLU B 72 -26.97 19.11 5.54
CA GLU B 72 -27.03 20.59 5.39
C GLU B 72 -26.11 21.25 6.43
N ARG B 73 -26.20 20.85 7.70
CA ARG B 73 -25.52 21.52 8.84
C ARG B 73 -24.21 20.82 9.21
N GLY B 74 -23.95 19.61 8.72
CA GLY B 74 -22.76 18.84 9.16
C GLY B 74 -22.22 17.88 8.12
N ALA B 75 -21.69 16.75 8.60
CA ALA B 75 -21.01 15.72 7.81
C ALA B 75 -22.02 14.90 7.01
N GLY B 76 -23.25 14.79 7.50
CA GLY B 76 -24.26 13.87 6.96
C GLY B 76 -23.76 12.43 6.93
N PHE B 77 -23.20 11.93 8.03
CA PHE B 77 -22.79 10.51 8.15
C PHE B 77 -23.97 9.61 7.78
N THR B 78 -23.71 8.52 7.07
CA THR B 78 -24.74 7.61 6.53
C THR B 78 -24.66 6.23 7.18
N ILE B 79 -23.64 6.00 8.01
CA ILE B 79 -23.45 4.71 8.74
C ILE B 79 -23.24 5.03 10.22
N LEU B 80 -24.02 4.35 11.06
CA LEU B 80 -23.83 4.26 12.52
C LEU B 80 -23.55 2.79 12.85
N ARG B 81 -22.43 2.54 13.53
CA ARG B 81 -22.01 1.19 13.96
C ARG B 81 -22.35 1.08 15.46
N ASN B 82 -23.30 0.21 15.79
CA ASN B 82 -23.76 -0.03 17.17
C ASN B 82 -23.15 -1.35 17.68
N GLY B 83 -22.85 -1.41 18.98
CA GLY B 83 -22.49 -2.65 19.69
C GLY B 83 -23.71 -3.41 20.13
N ILE B 84 -23.78 -4.71 19.80
CA ILE B 84 -24.72 -5.68 20.43
C ILE B 84 -24.08 -6.12 21.75
N GLY B 85 -24.56 -5.60 22.88
CA GLY B 85 -23.95 -5.80 24.20
C GLY B 85 -23.91 -7.27 24.59
N SER B 86 -22.81 -7.69 25.22
CA SER B 86 -22.63 -9.08 25.72
C SER B 86 -22.68 -9.13 27.25
N SER B 87 -22.75 -7.99 27.93
CA SER B 87 -22.56 -7.89 29.42
C SER B 87 -23.88 -8.16 30.15
N ASN B 88 -23.78 -8.53 31.43
CA ASN B 88 -24.96 -8.82 32.30
C ASN B 88 -25.18 -7.66 33.27
N SER B 89 -24.47 -6.56 33.09
CA SER B 89 -24.69 -5.28 33.81
C SER B 89 -24.27 -4.10 32.92
N SER B 90 -24.53 -2.88 33.34
CA SER B 90 -24.06 -1.64 32.67
C SER B 90 -23.17 -0.82 33.62
N THR B 91 -22.37 -1.50 34.45
CA THR B 91 -21.29 -0.87 35.25
C THR B 91 -20.18 -0.42 34.28
N SER B 92 -19.26 0.42 34.76
CA SER B 92 -18.19 1.10 33.98
C SER B 92 -18.72 1.50 32.59
N ASN B 93 -18.17 0.93 31.52
CA ASN B 93 -18.54 1.29 30.12
C ASN B 93 -19.11 0.06 29.39
N LEU B 94 -19.58 -0.94 30.14
CA LEU B 94 -20.11 -2.21 29.58
C LEU B 94 -21.38 -1.91 28.79
N MET B 95 -21.57 -2.64 27.70
CA MET B 95 -22.83 -2.68 26.92
C MET B 95 -23.61 -3.92 27.35
N ASN B 96 -24.78 -3.73 27.96
CA ASN B 96 -25.61 -4.84 28.51
C ASN B 96 -26.35 -5.55 27.37
N SER B 97 -26.56 -6.86 27.55
CA SER B 97 -27.12 -7.81 26.56
C SER B 97 -28.65 -7.86 26.63
N ILE B 98 -29.30 -8.26 25.54
CA ILE B 98 -30.74 -8.64 25.49
C ILE B 98 -30.95 -10.00 26.16
N GLU B 99 -29.88 -10.79 26.36
CA GLU B 99 -30.00 -12.12 27.03
C GLU B 99 -28.87 -12.23 28.06
N PRO B 100 -28.92 -11.43 29.14
CA PRO B 100 -27.77 -11.28 30.04
C PRO B 100 -27.43 -12.53 30.88
N PHE B 101 -28.41 -13.39 31.16
CA PHE B 101 -28.23 -14.60 32.00
C PHE B 101 -28.57 -15.84 31.18
N SER B 102 -27.89 -16.94 31.44
CA SER B 102 -28.05 -18.22 30.70
C SER B 102 -29.48 -18.72 30.85
N PRO B 103 -30.06 -19.31 29.80
CA PRO B 103 -31.33 -20.03 29.94
C PRO B 103 -31.16 -21.42 30.60
N GLY B 104 -29.93 -21.85 30.87
CA GLY B 104 -29.62 -23.15 31.50
C GLY B 104 -28.86 -24.07 30.56
N SER B 105 -29.41 -24.34 29.38
CA SER B 105 -28.79 -25.15 28.30
C SER B 105 -29.09 -24.53 26.94
N PRO B 106 -28.37 -24.90 25.86
CA PRO B 106 -28.59 -24.33 24.53
C PRO B 106 -30.05 -24.44 24.04
N SER B 107 -30.73 -25.54 24.36
CA SER B 107 -32.09 -25.86 23.86
C SER B 107 -33.18 -25.29 24.79
N SER B 108 -32.81 -24.71 25.95
CA SER B 108 -33.75 -24.06 26.90
C SER B 108 -34.25 -22.73 26.31
N THR B 109 -35.45 -22.33 26.72
CA THR B 109 -36.15 -21.10 26.28
C THR B 109 -35.39 -19.87 26.77
N PRO B 110 -34.85 -19.05 25.84
CA PRO B 110 -34.20 -17.80 26.23
C PRO B 110 -35.16 -16.85 26.96
N ASN B 111 -34.63 -16.17 27.99
CA ASN B 111 -35.27 -15.01 28.66
C ASN B 111 -34.62 -13.75 28.09
N TYR B 112 -35.26 -13.15 27.08
CA TYR B 112 -34.84 -11.89 26.42
C TYR B 112 -35.42 -10.71 27.19
N THR B 113 -34.69 -9.59 27.26
CA THR B 113 -35.14 -8.32 27.86
C THR B 113 -34.68 -7.18 26.94
N TRP B 114 -35.64 -6.35 26.49
CA TRP B 114 -35.48 -5.17 25.60
C TRP B 114 -35.80 -3.92 26.41
N ASP B 115 -34.88 -2.95 26.43
CA ASP B 115 -34.96 -1.73 27.29
C ASP B 115 -35.15 -0.47 26.42
N HIS B 116 -35.31 -0.61 25.11
CA HIS B 116 -35.45 0.53 24.15
C HIS B 116 -34.32 1.54 24.39
N TYR B 117 -33.12 1.06 24.72
CA TYR B 117 -31.97 1.89 25.15
C TYR B 117 -30.66 1.39 24.51
N ASN B 118 -30.25 0.14 24.74
CA ASN B 118 -29.02 -0.45 24.13
C ASN B 118 -27.84 0.52 24.38
N SER B 119 -27.65 0.93 25.64
CA SER B 119 -26.53 1.78 26.13
C SER B 119 -26.54 3.13 25.39
N GLY B 120 -27.72 3.67 25.13
CA GLY B 120 -27.92 4.97 24.45
C GLY B 120 -27.97 4.84 22.95
N GLN B 121 -27.69 3.65 22.40
CA GLN B 121 -27.52 3.46 20.94
C GLN B 121 -28.86 3.43 20.23
N PHE B 122 -29.94 3.02 20.91
CA PHE B 122 -31.29 2.97 20.30
C PHE B 122 -31.82 4.39 20.09
N PRO B 123 -31.93 5.25 21.12
CA PRO B 123 -32.32 6.64 20.89
C PRO B 123 -31.38 7.37 19.91
N LEU B 124 -30.08 7.08 19.93
CA LEU B 124 -29.15 7.68 18.93
C LEU B 124 -29.58 7.26 17.53
N SER B 125 -29.82 5.97 17.32
CA SER B 125 -30.28 5.40 16.03
C SER B 125 -31.54 6.13 15.55
N GLN B 126 -32.49 6.38 16.45
CA GLN B 126 -33.75 7.10 16.13
C GLN B 126 -33.42 8.52 15.66
N GLN B 127 -32.53 9.22 16.36
CA GLN B 127 -32.29 10.66 16.11
C GLN B 127 -31.39 10.85 14.90
N ALA B 128 -30.57 9.85 14.56
CA ALA B 128 -29.78 9.82 13.31
C ALA B 128 -30.73 9.59 12.13
N ARG B 129 -31.60 8.57 12.23
CA ARG B 129 -32.61 8.22 11.20
C ARG B 129 -33.54 9.43 10.95
N ALA B 130 -33.93 10.15 11.99
CA ALA B 130 -34.78 11.36 11.88
C ALA B 130 -34.06 12.42 11.00
N ARG B 131 -32.73 12.44 11.00
CA ARG B 131 -31.91 13.40 10.21
C ARG B 131 -31.56 12.84 8.83
N GLY B 132 -31.83 11.56 8.55
CA GLY B 132 -31.70 10.97 7.20
C GLY B 132 -30.64 9.87 7.07
N LEU B 133 -30.05 9.39 8.18
CA LEU B 133 -29.08 8.25 8.19
C LEU B 133 -29.73 7.01 7.60
N PRO B 134 -29.26 6.43 6.47
CA PRO B 134 -29.82 5.17 6.00
C PRO B 134 -29.32 3.92 6.73
N TYR B 135 -28.04 3.82 7.09
CA TYR B 135 -27.39 2.52 7.41
C TYR B 135 -27.05 2.43 8.90
N ILE B 136 -27.51 1.35 9.52
CA ILE B 136 -27.20 0.97 10.92
C ILE B 136 -26.52 -0.40 10.88
N TYR B 137 -25.28 -0.42 11.34
CA TYR B 137 -24.43 -1.63 11.39
C TYR B 137 -24.39 -2.10 12.84
N ALA B 138 -25.10 -3.18 13.14
CA ALA B 138 -25.07 -3.81 14.48
C ALA B 138 -23.96 -4.87 14.46
N ASP B 139 -23.00 -4.76 15.37
CA ASP B 139 -21.81 -5.66 15.48
C ASP B 139 -21.66 -6.15 16.92
N ALA B 140 -21.57 -7.46 17.13
CA ALA B 140 -21.25 -8.07 18.46
C ALA B 140 -19.73 -8.12 18.66
N TRP B 141 -19.26 -7.69 19.84
CA TRP B 141 -17.86 -7.87 20.29
C TRP B 141 -17.68 -9.29 20.82
N SER B 142 -18.74 -9.86 21.39
CA SER B 142 -18.71 -11.25 21.94
C SER B 142 -20.13 -11.79 22.05
N ALA B 143 -20.28 -13.11 22.03
CA ALA B 143 -21.49 -13.79 22.56
C ALA B 143 -21.49 -13.58 24.07
N PRO B 144 -22.66 -13.67 24.74
CA PRO B 144 -22.68 -13.66 26.20
C PRO B 144 -21.80 -14.81 26.73
N GLY B 145 -21.22 -14.62 27.93
CA GLY B 145 -20.22 -15.52 28.55
C GLY B 145 -20.67 -16.97 28.53
N TYR B 146 -21.93 -17.24 28.87
CA TYR B 146 -22.49 -18.60 29.04
C TYR B 146 -22.50 -19.38 27.71
N MET B 147 -22.30 -18.74 26.55
CA MET B 147 -22.23 -19.45 25.24
C MET B 147 -20.77 -19.72 24.84
N LYS B 148 -19.80 -19.42 25.69
CA LYS B 148 -18.35 -19.47 25.30
C LYS B 148 -17.58 -20.48 26.16
N THR B 149 -16.43 -20.91 25.62
CA THR B 149 -15.49 -21.93 26.17
C THR B 149 -14.91 -21.46 27.51
N ASN B 150 -14.66 -20.15 27.65
CA ASN B 150 -14.11 -19.58 28.90
C ASN B 150 -15.25 -19.10 29.81
N GLN B 151 -16.51 -19.19 29.38
CA GLN B 151 -17.70 -18.79 30.20
C GLN B 151 -17.58 -17.32 30.62
N ASP B 152 -16.93 -16.50 29.79
CA ASP B 152 -16.64 -15.08 30.06
C ASP B 152 -16.80 -14.31 28.73
N GLU B 153 -17.43 -13.14 28.77
CA GLU B 153 -17.52 -12.22 27.60
C GLU B 153 -16.10 -11.70 27.29
N ASN B 154 -15.21 -11.74 28.27
CA ASN B 154 -13.84 -11.15 28.21
C ASN B 154 -12.80 -12.20 27.82
N TRP B 155 -11.59 -11.72 27.51
CA TRP B 155 -10.37 -12.55 27.31
C TRP B 155 -10.58 -13.55 26.17
N SER B 156 -11.16 -13.10 25.06
CA SER B 156 -11.41 -13.92 23.86
C SER B 156 -12.25 -15.14 24.26
N GLY B 157 -11.82 -16.35 23.91
CA GLY B 157 -12.63 -17.57 24.06
C GLY B 157 -13.48 -17.76 22.82
N PHE B 158 -14.08 -18.93 22.68
CA PHE B 158 -14.78 -19.32 21.43
C PHE B 158 -16.24 -19.67 21.77
N LEU B 159 -17.13 -19.38 20.83
CA LEU B 159 -18.52 -19.87 20.82
C LEU B 159 -18.51 -21.41 20.90
N CYS B 160 -19.03 -21.97 21.98
CA CYS B 160 -19.15 -23.42 22.23
C CYS B 160 -19.83 -24.10 21.04
N GLY B 161 -19.20 -25.13 20.48
CA GLY B 161 -19.75 -25.92 19.36
C GLY B 161 -19.07 -25.56 18.05
N ILE B 162 -18.35 -24.45 18.01
CA ILE B 162 -17.57 -24.04 16.81
C ILE B 162 -16.42 -25.05 16.64
N GLU B 163 -15.99 -25.28 15.39
CA GLU B 163 -15.00 -26.33 15.02
C GLU B 163 -13.82 -26.30 16.01
N GLY B 164 -13.53 -27.44 16.63
CA GLY B 164 -12.37 -27.65 17.52
C GLY B 164 -12.54 -27.06 18.91
N GLU B 165 -13.74 -26.60 19.27
CA GLU B 165 -14.00 -25.90 20.55
C GLU B 165 -15.29 -26.44 21.16
N THR B 166 -15.19 -27.40 22.07
CA THR B 166 -16.35 -28.08 22.73
C THR B 166 -16.44 -27.57 24.17
N CYS B 167 -17.66 -27.60 24.71
CA CYS B 167 -18.00 -27.21 26.11
C CYS B 167 -18.84 -28.31 26.74
N PRO B 168 -18.67 -28.57 28.06
CA PRO B 168 -19.65 -29.36 28.84
C PRO B 168 -21.11 -28.91 28.66
N SER B 169 -21.38 -27.60 28.64
CA SER B 169 -22.73 -27.00 28.49
C SER B 169 -23.35 -27.31 27.12
N GLY B 170 -22.53 -27.65 26.11
CA GLY B 170 -23.01 -28.16 24.81
C GLY B 170 -22.77 -27.17 23.67
N ASP B 171 -23.54 -27.28 22.60
CA ASP B 171 -23.40 -26.52 21.32
C ASP B 171 -24.33 -25.29 21.34
N TRP B 172 -23.75 -24.10 21.47
CA TRP B 172 -24.49 -22.81 21.54
C TRP B 172 -24.53 -22.06 20.18
N ARG B 173 -24.10 -22.68 19.07
CA ARG B 173 -24.00 -21.96 17.78
C ARG B 173 -25.40 -21.44 17.39
N GLN B 174 -26.39 -22.33 17.29
CA GLN B 174 -27.76 -21.92 16.90
C GLN B 174 -28.32 -20.91 17.90
N ALA B 175 -28.00 -21.04 19.19
CA ALA B 175 -28.50 -20.14 20.27
C ALA B 175 -27.98 -18.72 20.03
N TYR B 176 -26.72 -18.57 19.61
CA TYR B 176 -26.07 -17.26 19.35
C TYR B 176 -26.68 -16.64 18.09
N ALA B 177 -26.99 -17.46 17.08
CA ALA B 177 -27.63 -16.98 15.83
C ALA B 177 -29.03 -16.43 16.14
N ASP B 178 -29.83 -17.20 16.88
CA ASP B 178 -31.20 -16.81 17.32
C ASP B 178 -31.12 -15.53 18.15
N TYR B 179 -30.13 -15.43 19.02
CA TYR B 179 -29.84 -14.23 19.86
C TYR B 179 -29.66 -13.00 18.97
N LEU B 180 -28.77 -13.09 17.97
CA LEU B 180 -28.48 -11.95 17.07
C LEU B 180 -29.75 -11.58 16.30
N VAL B 181 -30.49 -12.58 15.81
CA VAL B 181 -31.78 -12.38 15.10
C VAL B 181 -32.74 -11.61 16.01
N GLN B 182 -32.79 -11.98 17.28
CA GLN B 182 -33.74 -11.37 18.25
C GLN B 182 -33.32 -9.91 18.48
N TYR B 183 -32.03 -9.61 18.49
CA TYR B 183 -31.57 -8.21 18.65
C TYR B 183 -32.12 -7.37 17.49
N VAL B 184 -31.97 -7.90 16.27
CA VAL B 184 -32.41 -7.26 15.00
C VAL B 184 -33.94 -7.06 15.05
N LYS B 185 -34.69 -8.07 15.48
CA LYS B 185 -36.19 -8.01 15.58
C LYS B 185 -36.60 -6.93 16.58
N PHE B 186 -35.92 -6.83 17.72
CA PHE B 186 -36.24 -5.80 18.75
C PHE B 186 -36.09 -4.40 18.15
N TYR B 187 -35.02 -4.19 17.37
CA TYR B 187 -34.79 -2.90 16.67
C TYR B 187 -35.96 -2.67 15.70
N ALA B 188 -36.35 -3.67 14.90
CA ALA B 188 -37.35 -3.52 13.81
C ALA B 188 -38.74 -3.28 14.43
N GLU B 189 -39.07 -3.98 15.50
CA GLU B 189 -40.40 -3.89 16.15
C GLU B 189 -40.55 -2.52 16.84
N SER B 190 -39.44 -1.87 17.18
CA SER B 190 -39.41 -0.53 17.82
C SER B 190 -39.27 0.57 16.76
N GLY B 191 -39.30 0.22 15.47
CA GLY B 191 -39.36 1.20 14.36
C GLY B 191 -37.99 1.60 13.82
N VAL B 192 -36.92 0.85 14.10
CA VAL B 192 -35.56 1.19 13.59
C VAL B 192 -34.93 -0.05 12.97
N PRO B 193 -35.16 -0.32 11.66
CA PRO B 193 -34.53 -1.45 11.00
C PRO B 193 -33.00 -1.34 10.95
N VAL B 194 -32.33 -2.43 11.35
CA VAL B 194 -30.87 -2.67 11.17
C VAL B 194 -30.63 -3.15 9.74
N THR B 195 -29.64 -2.60 9.05
CA THR B 195 -29.36 -2.89 7.61
C THR B 195 -28.17 -3.84 7.48
N HIS B 196 -27.24 -3.84 8.45
CA HIS B 196 -25.97 -4.62 8.42
C HIS B 196 -25.73 -5.26 9.79
N LEU B 197 -25.34 -6.54 9.79
CA LEU B 197 -25.15 -7.34 11.02
C LEU B 197 -23.80 -8.07 10.95
N GLY B 198 -23.00 -7.95 12.02
CA GLY B 198 -21.74 -8.68 12.23
C GLY B 198 -21.75 -9.34 13.58
N PHE B 199 -21.02 -10.44 13.75
CA PHE B 199 -21.05 -11.28 14.97
C PHE B 199 -19.66 -11.38 15.60
N LEU B 200 -18.64 -10.76 15.03
CA LEU B 200 -17.26 -10.72 15.59
C LEU B 200 -16.76 -9.28 15.61
N ASN B 201 -15.82 -9.01 16.49
CA ASN B 201 -15.01 -7.77 16.48
C ASN B 201 -13.57 -8.15 16.81
N GLU B 202 -12.64 -7.91 15.89
CA GLU B 202 -11.18 -8.12 16.12
C GLU B 202 -11.00 -9.48 16.78
N PRO B 203 -11.36 -10.58 16.09
CA PRO B 203 -11.26 -11.92 16.70
C PRO B 203 -9.81 -12.33 17.01
N GLN B 204 -8.82 -11.60 16.46
CA GLN B 204 -7.36 -11.82 16.70
C GLN B 204 -6.98 -11.40 18.13
N GLU B 205 -7.79 -10.56 18.79
CA GLU B 205 -7.39 -9.83 20.03
C GLU B 205 -7.85 -10.56 21.29
N VAL B 206 -6.92 -10.72 22.24
CA VAL B 206 -7.17 -11.27 23.61
C VAL B 206 -7.06 -10.10 24.59
N VAL B 207 -8.19 -9.59 25.08
CA VAL B 207 -8.27 -8.29 25.83
C VAL B 207 -9.20 -8.42 27.03
N SER B 208 -9.10 -7.48 27.97
CA SER B 208 -9.85 -7.48 29.25
C SER B 208 -11.34 -7.19 29.02
N TYR B 209 -11.71 -6.55 27.90
CA TYR B 209 -13.12 -6.22 27.55
C TYR B 209 -13.69 -7.25 26.56
N ALA B 210 -14.98 -7.12 26.22
CA ALA B 210 -15.74 -8.07 25.37
C ALA B 210 -14.91 -8.42 24.13
N SER B 211 -14.69 -9.71 23.91
CA SER B 211 -13.87 -10.27 22.82
C SER B 211 -14.27 -11.74 22.62
N MET B 212 -14.11 -12.23 21.39
CA MET B 212 -14.40 -13.62 21.02
C MET B 212 -13.55 -13.94 19.81
N GLY B 213 -12.77 -15.00 19.90
CA GLY B 213 -11.85 -15.41 18.84
C GLY B 213 -12.58 -16.19 17.77
N SER B 214 -11.95 -16.32 16.62
CA SER B 214 -12.23 -17.33 15.58
C SER B 214 -11.25 -17.12 14.42
N ASN B 215 -10.86 -18.19 13.75
CA ASN B 215 -10.06 -18.11 12.50
C ASN B 215 -11.02 -18.06 11.31
N GLY B 216 -10.49 -17.99 10.10
CA GLY B 216 -11.28 -17.94 8.85
C GLY B 216 -12.36 -19.00 8.80
N THR B 217 -12.02 -20.27 9.04
CA THR B 217 -12.95 -21.42 8.84
C THR B 217 -13.99 -21.43 9.96
N GLN B 218 -13.62 -21.04 11.19
CA GLN B 218 -14.57 -20.93 12.32
C GLN B 218 -15.59 -19.82 12.02
N ALA B 219 -15.12 -18.66 11.53
CA ALA B 219 -15.99 -17.53 11.12
C ALA B 219 -16.92 -18.00 10.01
N ALA B 220 -16.37 -18.66 9.00
CA ALA B 220 -17.10 -19.19 7.82
C ALA B 220 -18.25 -20.10 8.26
N GLU B 221 -18.00 -21.00 9.20
CA GLU B 221 -18.98 -21.97 9.74
C GLU B 221 -20.17 -21.20 10.33
N PHE B 222 -19.93 -20.20 11.17
CA PHE B 222 -21.01 -19.41 11.81
C PHE B 222 -21.73 -18.52 10.79
N VAL B 223 -21.00 -17.89 9.86
CA VAL B 223 -21.63 -17.08 8.78
C VAL B 223 -22.77 -17.91 8.16
N LYS B 224 -22.51 -19.18 7.85
CA LYS B 224 -23.48 -20.06 7.14
C LYS B 224 -24.70 -20.31 8.03
N ILE B 225 -24.49 -20.64 9.29
CA ILE B 225 -25.58 -20.89 10.29
C ILE B 225 -26.44 -19.61 10.44
N LEU B 226 -25.80 -18.46 10.64
CA LEU B 226 -26.50 -17.16 10.82
C LEU B 226 -27.30 -16.82 9.55
N GLY B 227 -26.68 -16.95 8.38
CA GLY B 227 -27.36 -16.67 7.10
C GLY B 227 -28.57 -17.57 6.89
N GLN B 228 -28.45 -18.87 7.20
CA GLN B 228 -29.53 -19.87 7.01
C GLN B 228 -30.65 -19.59 8.03
N THR B 229 -30.31 -19.08 9.21
CA THR B 229 -31.29 -18.67 10.25
C THR B 229 -32.10 -17.44 9.78
N LEU B 230 -31.44 -16.47 9.15
CA LEU B 230 -32.09 -15.22 8.69
C LEU B 230 -33.02 -15.55 7.51
N GLU B 231 -32.57 -16.45 6.62
CA GLU B 231 -33.36 -16.91 5.45
C GLU B 231 -34.66 -17.58 5.93
N ARG B 232 -34.58 -18.43 6.95
CA ARG B 232 -35.75 -19.16 7.52
C ARG B 232 -36.70 -18.17 8.21
N GLU B 233 -36.16 -17.25 9.01
CA GLU B 233 -36.95 -16.18 9.68
C GLU B 233 -37.54 -15.24 8.63
N GLY B 234 -36.92 -15.12 7.46
CA GLY B 234 -37.37 -14.25 6.36
C GLY B 234 -37.00 -12.78 6.60
N ILE B 235 -35.80 -12.55 7.15
CA ILE B 235 -35.27 -11.19 7.47
C ILE B 235 -34.24 -10.81 6.39
N ASP B 236 -34.45 -9.66 5.74
CA ASP B 236 -33.51 -9.09 4.74
C ASP B 236 -32.49 -8.22 5.49
N ILE B 237 -31.22 -8.64 5.53
CA ILE B 237 -30.14 -7.86 6.19
C ILE B 237 -28.83 -8.21 5.51
N GLU B 238 -27.87 -7.28 5.52
CA GLU B 238 -26.52 -7.50 4.93
C GLU B 238 -25.60 -8.06 6.02
N LEU B 239 -25.08 -9.28 5.83
CA LEU B 239 -24.12 -9.89 6.80
C LEU B 239 -22.71 -9.41 6.46
N THR B 240 -21.93 -9.16 7.51
CA THR B 240 -20.53 -8.71 7.40
C THR B 240 -19.64 -9.69 8.16
N CYS B 241 -18.34 -9.65 7.86
CA CYS B 241 -17.27 -10.38 8.56
C CYS B 241 -15.94 -9.76 8.14
N CYS B 242 -14.95 -9.66 9.03
CA CYS B 242 -14.99 -10.12 10.41
C CYS B 242 -14.45 -9.02 11.33
N ASP B 243 -14.39 -7.77 10.86
CA ASP B 243 -13.86 -6.62 11.65
C ASP B 243 -12.48 -7.03 12.22
N GLY B 244 -11.58 -7.56 11.38
CA GLY B 244 -10.20 -7.89 11.76
C GLY B 244 -9.47 -6.67 12.32
N VAL B 245 -8.52 -6.90 13.23
CA VAL B 245 -7.77 -5.85 13.98
C VAL B 245 -6.94 -5.01 13.00
N GLY B 246 -6.59 -5.56 11.85
CA GLY B 246 -5.97 -4.79 10.76
C GLY B 246 -6.33 -5.34 9.40
N TRP B 247 -5.88 -4.65 8.36
CA TRP B 247 -6.26 -4.96 6.96
C TRP B 247 -5.69 -6.33 6.58
N SER B 248 -4.40 -6.56 6.90
CA SER B 248 -3.68 -7.82 6.65
C SER B 248 -4.33 -8.97 7.43
N GLU B 249 -4.74 -8.69 8.67
CA GLU B 249 -5.37 -9.68 9.58
C GLU B 249 -6.71 -10.12 8.95
N GLN B 250 -7.50 -9.18 8.41
CA GLN B 250 -8.76 -9.50 7.70
C GLN B 250 -8.44 -10.30 6.42
N GLU B 251 -7.46 -9.87 5.64
CA GLU B 251 -7.05 -10.54 4.37
C GLU B 251 -6.76 -12.02 4.65
N ALA B 252 -6.09 -12.31 5.78
CA ALA B 252 -5.68 -13.65 6.22
C ALA B 252 -6.90 -14.55 6.47
N MET B 253 -8.08 -13.99 6.72
CA MET B 253 -9.33 -14.75 7.00
C MET B 253 -10.12 -15.03 5.72
N ILE B 254 -9.88 -14.28 4.64
CA ILE B 254 -10.74 -14.33 3.42
C ILE B 254 -10.66 -15.72 2.78
N PRO B 255 -9.49 -16.37 2.66
CA PRO B 255 -9.44 -17.72 2.09
C PRO B 255 -10.40 -18.69 2.79
N GLY B 256 -10.46 -18.69 4.12
CA GLY B 256 -11.43 -19.45 4.93
C GLY B 256 -12.87 -19.17 4.52
N LEU B 257 -13.18 -17.89 4.33
CA LEU B 257 -14.53 -17.41 3.94
C LEU B 257 -14.88 -17.85 2.52
N GLN B 258 -13.88 -18.25 1.70
CA GLN B 258 -14.09 -18.58 0.25
C GLN B 258 -14.11 -20.10 -0.01
N VAL B 259 -13.80 -20.93 0.98
CA VAL B 259 -13.82 -22.42 0.84
C VAL B 259 -15.25 -22.83 0.51
N VAL B 260 -15.46 -23.49 -0.63
CA VAL B 260 -16.81 -24.01 -1.02
C VAL B 260 -16.98 -25.35 -0.31
N GLY B 261 -17.97 -25.44 0.58
CA GLY B 261 -18.26 -26.65 1.36
C GLY B 261 -19.01 -27.70 0.53
N PRO B 262 -19.39 -28.84 1.13
CA PRO B 262 -20.23 -29.84 0.44
C PRO B 262 -21.70 -29.42 0.25
N ASP B 263 -22.12 -28.29 0.82
CA ASP B 263 -23.44 -27.66 0.56
C ASP B 263 -23.36 -26.80 -0.72
N GLY B 264 -22.22 -26.79 -1.40
CA GLY B 264 -21.99 -26.03 -2.65
C GLY B 264 -21.86 -24.54 -2.41
N LYS B 265 -21.68 -24.09 -1.16
CA LYS B 265 -21.69 -22.66 -0.80
C LYS B 265 -20.44 -22.33 0.04
N SER B 266 -19.93 -21.11 -0.15
CA SER B 266 -18.91 -20.49 0.73
C SER B 266 -19.62 -19.57 1.72
N ALA B 267 -18.94 -19.15 2.78
CA ALA B 267 -19.35 -18.03 3.67
C ALA B 267 -19.58 -16.77 2.82
N GLU B 268 -18.71 -16.54 1.84
CA GLU B 268 -18.75 -15.37 0.92
C GLU B 268 -20.11 -15.28 0.21
N ASP B 269 -20.70 -16.42 -0.14
CA ASP B 269 -22.06 -16.49 -0.75
C ASP B 269 -23.09 -15.85 0.19
N TYR B 270 -22.93 -15.94 1.52
CA TYR B 270 -23.90 -15.40 2.50
C TYR B 270 -23.57 -13.95 2.86
N LEU B 271 -22.32 -13.51 2.66
CA LEU B 271 -21.85 -12.16 3.07
C LEU B 271 -22.21 -11.14 1.98
N SER B 272 -22.55 -9.92 2.40
CA SER B 272 -22.70 -8.72 1.56
C SER B 272 -21.43 -7.83 1.62
N VAL B 273 -20.75 -7.77 2.77
CA VAL B 273 -19.64 -6.82 3.01
C VAL B 273 -18.56 -7.51 3.84
N VAL B 274 -17.30 -7.37 3.42
CA VAL B 274 -16.12 -7.81 4.22
C VAL B 274 -15.57 -6.58 4.93
N THR B 275 -15.31 -6.68 6.23
CA THR B 275 -15.02 -5.54 7.12
C THR B 275 -13.65 -5.76 7.77
N GLY B 276 -12.90 -4.68 8.00
CA GLY B 276 -11.65 -4.70 8.76
C GLY B 276 -11.35 -3.35 9.36
N HIS B 277 -10.47 -3.33 10.36
CA HIS B 277 -10.00 -2.12 11.09
C HIS B 277 -8.62 -1.73 10.55
N GLY B 278 -8.08 -0.58 10.97
CA GLY B 278 -6.78 -0.07 10.49
C GLY B 278 -5.66 -0.13 11.53
N TYR B 279 -5.89 -0.66 12.73
CA TYR B 279 -4.96 -0.55 13.88
C TYR B 279 -3.64 -1.31 13.62
N SER B 280 -3.69 -2.61 13.35
CA SER B 280 -2.50 -3.48 13.15
C SER B 280 -1.87 -3.25 11.78
N SER B 281 -2.66 -2.81 10.80
CA SER B 281 -2.19 -2.56 9.41
C SER B 281 -3.27 -1.76 8.68
N ALA B 282 -2.87 -0.71 7.99
CA ALA B 282 -3.78 0.29 7.39
C ALA B 282 -4.40 -0.30 6.13
N PRO B 283 -5.64 0.11 5.75
CA PRO B 283 -6.18 -0.21 4.44
C PRO B 283 -5.40 0.52 3.34
N THR B 284 -4.40 -0.16 2.74
CA THR B 284 -3.52 0.37 1.66
C THR B 284 -3.48 -0.54 0.43
N PHE B 285 -4.27 -1.62 0.41
CA PHE B 285 -4.29 -2.62 -0.69
C PHE B 285 -5.69 -3.25 -0.72
N PRO B 286 -6.19 -3.68 -1.89
CA PRO B 286 -7.52 -4.25 -1.96
C PRO B 286 -7.57 -5.66 -1.33
N LEU B 287 -8.62 -5.96 -0.58
CA LEU B 287 -8.87 -7.34 -0.08
C LEU B 287 -9.34 -8.18 -1.28
N SER B 288 -8.94 -9.44 -1.36
CA SER B 288 -9.21 -10.32 -2.52
C SER B 288 -10.59 -10.99 -2.38
N THR B 289 -11.59 -10.24 -1.92
CA THR B 289 -13.00 -10.69 -1.92
C THR B 289 -13.68 -10.14 -3.17
N LYS B 290 -14.73 -10.82 -3.64
CA LYS B 290 -15.65 -10.31 -4.70
C LYS B 290 -16.68 -9.34 -4.09
N ARG B 291 -16.76 -9.24 -2.76
CA ARG B 291 -17.71 -8.34 -2.06
C ARG B 291 -17.10 -6.95 -1.84
N ARG B 292 -17.97 -5.95 -1.70
CA ARG B 292 -17.63 -4.61 -1.17
C ARG B 292 -16.89 -4.78 0.15
N THR B 293 -15.97 -3.87 0.44
CA THR B 293 -15.19 -3.87 1.70
C THR B 293 -15.44 -2.56 2.44
N TRP B 294 -15.45 -2.63 3.75
CA TRP B 294 -15.63 -1.47 4.66
C TRP B 294 -14.43 -1.44 5.60
N LEU B 295 -13.81 -0.27 5.74
CA LEU B 295 -13.00 0.10 6.92
C LEU B 295 -14.02 0.48 8.01
N THR B 296 -14.16 -0.34 9.05
CA THR B 296 -15.26 -0.26 10.04
C THR B 296 -14.79 0.28 11.39
N GLU B 297 -13.48 0.37 11.62
CA GLU B 297 -12.98 1.04 12.86
C GLU B 297 -11.55 1.53 12.64
N TRP B 298 -11.30 2.75 13.06
CA TRP B 298 -9.94 3.33 13.07
C TRP B 298 -9.98 4.63 13.87
N THR B 299 -8.90 4.94 14.59
CA THR B 299 -8.72 6.20 15.34
C THR B 299 -7.26 6.28 15.80
N ASP B 300 -6.93 7.39 16.45
CA ASP B 300 -5.64 7.64 17.14
C ASP B 300 -5.83 7.27 18.63
N LEU B 301 -5.31 6.12 19.05
CA LEU B 301 -5.41 5.62 20.44
C LEU B 301 -4.15 6.00 21.25
N SER B 302 -3.29 6.87 20.71
CA SER B 302 -2.03 7.32 21.36
C SER B 302 -2.31 8.03 22.69
N GLY B 303 -3.46 8.72 22.82
CA GLY B 303 -3.82 9.51 24.02
C GLY B 303 -3.35 10.96 23.93
N ALA B 304 -2.80 11.38 22.79
CA ALA B 304 -2.49 12.79 22.49
C ALA B 304 -3.80 13.57 22.36
N PHE B 305 -3.71 14.90 22.40
CA PHE B 305 -4.86 15.81 22.25
C PHE B 305 -4.53 16.89 21.22
N THR B 306 -4.95 16.69 19.96
CA THR B 306 -4.65 17.59 18.81
C THR B 306 -5.96 17.89 18.08
N PRO B 307 -6.83 18.74 18.66
CA PRO B 307 -8.09 19.11 18.01
C PRO B 307 -8.04 20.14 16.88
N TYR B 308 -7.09 21.08 16.90
CA TYR B 308 -7.04 22.26 15.99
C TYR B 308 -6.00 22.06 14.87
N THR B 309 -5.21 20.99 14.91
CA THR B 309 -4.07 20.76 13.99
C THR B 309 -4.53 19.99 12.75
N PHE B 310 -4.55 20.65 11.60
CA PHE B 310 -4.71 19.96 10.30
C PHE B 310 -3.34 19.38 9.94
N PHE B 311 -2.31 20.22 9.97
CA PHE B 311 -0.90 19.80 9.78
C PHE B 311 0.05 20.60 10.69
N ALA B 312 0.96 19.88 11.36
CA ALA B 312 2.11 20.41 12.13
C ALA B 312 3.36 19.58 11.83
N ASP B 313 3.32 18.26 12.13
CA ASP B 313 4.48 17.34 11.94
C ASP B 313 4.02 15.91 11.60
N GLY B 314 2.86 15.72 10.96
CA GLY B 314 2.40 14.40 10.50
C GLY B 314 1.97 13.49 11.63
N GLY B 315 1.70 14.03 12.82
CA GLY B 315 1.20 13.30 14.00
C GLY B 315 -0.06 12.49 13.69
N ALA B 316 -0.28 11.43 14.46
CA ALA B 316 -1.32 10.39 14.25
C ALA B 316 -2.72 10.99 14.44
N GLY B 317 -2.84 12.18 15.04
CA GLY B 317 -4.12 12.81 15.39
C GLY B 317 -4.49 13.99 14.50
N GLU B 318 -3.64 14.34 13.54
CA GLU B 318 -3.77 15.58 12.73
C GLU B 318 -4.81 15.37 11.62
N GLY B 319 -5.53 16.43 11.25
CA GLY B 319 -6.50 16.41 10.15
C GLY B 319 -5.94 15.76 8.89
N MET B 320 -4.72 16.13 8.50
CA MET B 320 -4.18 15.72 7.18
C MET B 320 -3.89 14.22 7.19
N THR B 321 -3.38 13.69 8.31
CA THR B 321 -3.13 12.24 8.50
C THR B 321 -4.42 11.48 8.19
N TRP B 322 -5.55 11.97 8.69
CA TRP B 322 -6.87 11.29 8.52
C TRP B 322 -7.44 11.55 7.14
N ALA B 323 -7.25 12.73 6.58
CA ALA B 323 -7.65 13.02 5.18
C ALA B 323 -6.94 12.03 4.26
N ASN B 324 -5.64 11.79 4.50
CA ASN B 324 -4.83 10.85 3.69
C ASN B 324 -5.26 9.40 3.94
N HIS B 325 -5.54 9.03 5.19
CA HIS B 325 -6.02 7.67 5.56
C HIS B 325 -7.28 7.36 4.74
N ILE B 326 -8.21 8.31 4.69
CA ILE B 326 -9.53 8.16 4.00
C ILE B 326 -9.25 8.05 2.51
N GLN B 327 -8.52 9.01 1.92
CA GLN B 327 -8.24 9.02 0.47
C GLN B 327 -7.56 7.71 0.04
N THR B 328 -6.56 7.24 0.79
CA THR B 328 -5.78 6.01 0.52
C THR B 328 -6.73 4.79 0.57
N ALA B 329 -7.60 4.71 1.57
CA ALA B 329 -8.56 3.60 1.75
C ALA B 329 -9.44 3.48 0.49
N PHE B 330 -9.89 4.60 -0.09
CA PHE B 330 -10.74 4.57 -1.31
C PHE B 330 -9.89 4.34 -2.56
N VAL B 331 -8.74 5.02 -2.69
CA VAL B 331 -7.96 5.04 -3.96
C VAL B 331 -7.09 3.77 -4.07
N ASN B 332 -6.53 3.29 -2.96
CA ASN B 332 -5.54 2.17 -2.98
C ASN B 332 -6.13 0.89 -2.40
N ALA B 333 -7.05 0.95 -1.44
CA ALA B 333 -7.59 -0.23 -0.72
C ALA B 333 -9.02 -0.55 -1.17
N ASN B 334 -9.59 0.24 -2.08
CA ASN B 334 -10.82 -0.14 -2.82
C ASN B 334 -12.02 -0.25 -1.87
N VAL B 335 -12.07 0.50 -0.78
CA VAL B 335 -13.18 0.36 0.22
C VAL B 335 -14.43 1.08 -0.29
N SER B 336 -15.60 0.66 0.20
CA SER B 336 -16.91 1.27 -0.12
C SER B 336 -17.39 2.15 1.04
N ALA B 337 -16.80 2.03 2.22
CA ALA B 337 -17.14 2.85 3.40
C ALA B 337 -15.94 3.02 4.31
N PHE B 338 -15.97 4.09 5.11
CA PHE B 338 -14.95 4.46 6.12
C PHE B 338 -15.69 4.88 7.39
N ILE B 339 -15.60 4.04 8.42
CA ILE B 339 -16.21 4.28 9.75
C ILE B 339 -15.09 4.50 10.77
N TYR B 340 -15.02 5.71 11.32
CA TYR B 340 -14.13 6.08 12.46
C TYR B 340 -14.60 5.29 13.68
N TRP B 341 -13.82 5.27 14.76
CA TRP B 341 -14.23 4.66 16.05
C TRP B 341 -15.34 5.51 16.70
N ILE B 342 -15.05 6.38 17.67
CA ILE B 342 -16.08 7.17 18.40
C ILE B 342 -16.28 8.52 17.71
N GLY B 343 -17.54 8.91 17.47
CA GLY B 343 -17.88 10.21 16.88
C GLY B 343 -17.61 11.34 17.86
N ALA B 344 -18.30 11.31 19.01
CA ALA B 344 -18.30 12.35 20.06
C ALA B 344 -18.14 11.68 21.43
N GLU B 345 -17.19 12.15 22.22
CA GLU B 345 -17.00 11.65 23.62
C GLU B 345 -16.51 12.78 24.51
N ASN B 346 -16.90 12.71 25.79
CA ASN B 346 -16.32 13.56 26.86
C ASN B 346 -14.90 13.07 27.13
N SER B 347 -13.90 13.76 26.61
CA SER B 347 -12.46 13.40 26.76
C SER B 347 -11.57 14.52 26.22
N THR B 348 -10.30 14.51 26.62
CA THR B 348 -9.23 15.34 26.00
C THR B 348 -8.20 14.41 25.35
N THR B 349 -8.66 13.49 24.50
CA THR B 349 -7.81 12.61 23.67
C THR B 349 -8.28 12.66 22.21
N ASN B 350 -7.66 11.88 21.33
CA ASN B 350 -7.94 11.87 19.87
C ASN B 350 -8.74 10.63 19.50
N SER B 351 -9.20 9.84 20.47
CA SER B 351 -9.88 8.54 20.18
C SER B 351 -11.28 8.80 19.59
N GLY B 352 -11.84 10.00 19.79
CA GLY B 352 -13.08 10.46 19.15
C GLY B 352 -12.82 11.57 18.14
N MET B 353 -13.78 11.85 17.27
CA MET B 353 -13.70 12.88 16.21
C MET B 353 -14.06 14.27 16.78
N ILE B 354 -15.05 14.32 17.67
CA ILE B 354 -15.54 15.56 18.33
C ILE B 354 -15.24 15.43 19.82
N ASN B 355 -14.51 16.38 20.37
CA ASN B 355 -14.23 16.46 21.83
C ASN B 355 -15.39 17.20 22.51
N LEU B 356 -15.99 16.55 23.51
CA LEU B 356 -16.92 17.18 24.47
C LEU B 356 -16.15 17.42 25.77
N ILE B 357 -16.20 18.64 26.27
CA ILE B 357 -15.57 19.00 27.59
C ILE B 357 -16.68 19.58 28.45
N ASN B 358 -17.38 18.73 29.20
CA ASN B 358 -18.61 19.12 29.93
C ASN B 358 -19.53 19.76 28.88
N ASP B 359 -19.91 21.02 29.04
CA ASP B 359 -20.82 21.71 28.08
C ASP B 359 -19.97 22.54 27.10
N GLU B 360 -19.11 21.87 26.33
CA GLU B 360 -18.25 22.47 25.28
C GLU B 360 -18.08 21.45 24.16
N VAL B 361 -18.25 21.87 22.92
CA VAL B 361 -18.13 21.01 21.71
C VAL B 361 -16.92 21.49 20.89
N ILE B 362 -15.91 20.63 20.73
CA ILE B 362 -14.71 20.93 19.89
C ILE B 362 -14.58 19.84 18.81
N PRO B 363 -15.13 20.08 17.60
CA PRO B 363 -14.96 19.16 16.49
C PRO B 363 -13.51 19.23 16.00
N SER B 364 -12.82 18.10 15.89
CA SER B 364 -11.39 18.08 15.49
C SER B 364 -11.30 18.26 13.99
N LYS B 365 -10.08 18.43 13.46
CA LYS B 365 -9.81 18.49 12.00
C LYS B 365 -9.95 17.08 11.42
N ARG B 366 -9.90 16.05 12.25
CA ARG B 366 -10.21 14.66 11.84
C ARG B 366 -11.69 14.64 11.43
N PHE B 367 -12.56 15.25 12.24
CA PHE B 367 -13.99 15.37 11.95
C PHE B 367 -14.18 16.15 10.64
N TRP B 368 -13.54 17.31 10.49
CA TRP B 368 -13.76 18.18 9.30
C TRP B 368 -13.25 17.50 8.02
N SER B 369 -12.16 16.73 8.10
CA SER B 369 -11.66 15.89 6.99
C SER B 369 -12.71 14.82 6.64
N MET B 370 -13.28 14.11 7.62
CA MET B 370 -14.33 13.09 7.38
C MET B 370 -15.56 13.79 6.79
N ALA B 371 -15.90 14.98 7.28
CA ALA B 371 -17.06 15.79 6.87
C ALA B 371 -16.90 16.19 5.40
N SER B 372 -15.71 16.61 4.99
CA SER B 372 -15.36 17.01 3.60
C SER B 372 -15.77 15.88 2.64
N PHE B 373 -15.36 14.64 2.89
CA PHE B 373 -15.74 13.45 2.09
C PHE B 373 -17.25 13.20 2.19
N SER B 374 -17.76 13.01 3.41
CA SER B 374 -19.13 12.52 3.71
C SER B 374 -20.20 13.50 3.18
N LYS B 375 -19.96 14.81 3.30
CA LYS B 375 -20.94 15.84 2.91
C LYS B 375 -21.27 15.73 1.41
N PHE B 376 -20.30 15.40 0.55
CA PHE B 376 -20.41 15.51 -0.92
C PHE B 376 -20.36 14.14 -1.63
N VAL B 377 -19.79 13.11 -0.99
CA VAL B 377 -19.72 11.72 -1.55
C VAL B 377 -20.81 10.88 -0.88
N ARG B 378 -21.98 10.84 -1.51
CA ARG B 378 -23.24 10.34 -0.90
C ARG B 378 -23.44 8.89 -1.31
N PRO B 379 -24.31 8.15 -0.59
CA PRO B 379 -24.56 6.74 -0.89
C PRO B 379 -24.82 6.47 -2.37
N ASN B 380 -24.24 5.37 -2.85
CA ASN B 380 -24.37 4.85 -4.24
C ASN B 380 -23.55 5.69 -5.20
N ALA B 381 -22.76 6.65 -4.71
CA ALA B 381 -21.73 7.33 -5.54
C ALA B 381 -20.77 6.26 -6.07
N GLN B 382 -20.12 6.53 -7.18
CA GLN B 382 -19.10 5.63 -7.76
C GLN B 382 -17.77 6.37 -7.81
N ARG B 383 -16.70 5.76 -7.31
CA ARG B 383 -15.33 6.30 -7.46
C ARG B 383 -14.97 6.23 -8.94
N VAL B 384 -14.33 7.27 -9.45
CA VAL B 384 -13.88 7.38 -10.86
C VAL B 384 -12.39 7.73 -10.89
N LYS B 385 -11.73 7.50 -12.02
CA LYS B 385 -10.27 7.76 -12.13
C LYS B 385 -9.99 9.25 -11.93
N ALA B 386 -9.01 9.55 -11.09
CA ALA B 386 -8.42 10.90 -10.90
C ALA B 386 -6.92 10.73 -10.72
N THR B 387 -6.13 11.41 -11.53
CA THR B 387 -4.65 11.36 -11.44
C THR B 387 -4.15 12.79 -11.23
N SER B 388 -2.97 12.91 -10.64
CA SER B 388 -2.26 14.17 -10.39
C SER B 388 -0.87 14.06 -11.02
N SER B 389 -0.37 15.15 -11.59
CA SER B 389 0.97 15.22 -12.21
C SER B 389 2.04 15.48 -11.14
N ASP B 390 1.64 15.75 -9.88
CA ASP B 390 2.63 15.98 -8.78
C ASP B 390 2.25 15.18 -7.53
N ALA B 391 3.21 14.45 -6.96
CA ALA B 391 3.01 13.53 -5.80
C ALA B 391 2.65 14.32 -4.54
N SER B 392 3.01 15.61 -4.46
CA SER B 392 2.65 16.53 -3.34
C SER B 392 1.14 16.85 -3.36
N VAL B 393 0.46 16.62 -4.49
CA VAL B 393 -1.02 16.84 -4.61
C VAL B 393 -1.69 15.50 -4.92
N THR B 394 -2.34 14.89 -3.93
CA THR B 394 -3.01 13.55 -4.06
C THR B 394 -4.51 13.77 -4.21
N VAL B 395 -5.15 12.97 -5.05
N VAL B 395 -5.16 12.99 -5.08
CA VAL B 395 -6.51 13.23 -5.57
CA VAL B 395 -6.54 13.28 -5.55
C VAL B 395 -7.36 11.95 -5.53
C VAL B 395 -7.37 11.99 -5.60
N SER B 396 -8.66 12.14 -5.29
CA SER B 396 -9.73 11.12 -5.43
C SER B 396 -10.93 11.85 -6.05
N ALA B 397 -11.84 11.12 -6.67
CA ALA B 397 -13.03 11.68 -7.34
C ALA B 397 -14.16 10.65 -7.32
N PHE B 398 -15.38 11.14 -7.15
CA PHE B 398 -16.60 10.32 -7.09
C PHE B 398 -17.69 11.01 -7.90
N GLU B 399 -18.52 10.23 -8.60
CA GLU B 399 -19.74 10.72 -9.28
C GLU B 399 -20.95 10.24 -8.48
N ASN B 400 -21.77 11.17 -8.01
CA ASN B 400 -23.02 10.86 -7.28
C ASN B 400 -24.07 10.37 -8.29
N THR B 401 -25.14 9.73 -7.82
CA THR B 401 -26.22 9.20 -8.69
C THR B 401 -26.97 10.37 -9.34
N ASN B 402 -26.95 11.57 -8.74
CA ASN B 402 -27.58 12.80 -9.27
C ASN B 402 -26.61 13.61 -10.15
N GLY B 403 -25.46 13.04 -10.51
CA GLY B 403 -24.50 13.63 -11.47
C GLY B 403 -23.49 14.57 -10.82
N VAL B 404 -23.63 14.93 -9.54
CA VAL B 404 -22.64 15.81 -8.84
C VAL B 404 -21.32 15.05 -8.72
N VAL B 405 -20.24 15.63 -9.26
CA VAL B 405 -18.85 15.10 -9.13
C VAL B 405 -18.19 15.84 -7.97
N ALA B 406 -17.60 15.08 -7.07
CA ALA B 406 -16.85 15.56 -5.91
C ALA B 406 -15.41 15.05 -6.03
N ILE B 407 -14.47 15.99 -6.07
CA ILE B 407 -13.01 15.74 -6.24
C ILE B 407 -12.33 16.19 -4.96
N GLN B 408 -11.61 15.31 -4.28
CA GLN B 408 -10.88 15.68 -3.04
C GLN B 408 -9.41 15.81 -3.40
N VAL B 409 -8.82 16.98 -3.10
CA VAL B 409 -7.41 17.29 -3.39
C VAL B 409 -6.69 17.59 -2.07
N ILE B 410 -5.69 16.78 -1.71
CA ILE B 410 -4.82 17.04 -0.53
C ILE B 410 -3.54 17.66 -1.05
N ASN B 411 -3.29 18.93 -0.71
CA ASN B 411 -2.03 19.60 -1.04
C ASN B 411 -1.12 19.49 0.17
N ASN B 412 -0.10 18.63 0.11
CA ASN B 412 0.89 18.51 1.20
C ASN B 412 2.15 19.33 0.91
N GLY B 413 2.12 20.26 -0.02
CA GLY B 413 3.24 21.20 -0.26
C GLY B 413 3.31 22.23 0.85
N THR B 414 4.48 22.87 1.00
CA THR B 414 4.74 23.99 1.95
C THR B 414 4.16 25.28 1.36
N SER B 415 3.86 25.27 0.07
CA SER B 415 3.21 26.43 -0.60
C SER B 415 1.96 25.99 -1.38
N ALA B 416 1.19 26.99 -1.77
CA ALA B 416 -0.05 26.86 -2.58
C ALA B 416 0.30 26.17 -3.89
N ALA B 417 -0.61 25.31 -4.38
CA ALA B 417 -0.46 24.54 -5.63
C ALA B 417 -1.43 25.12 -6.68
N SER B 418 -0.91 25.36 -7.88
CA SER B 418 -1.65 25.86 -9.04
C SER B 418 -2.20 24.65 -9.78
N LEU B 419 -3.52 24.46 -9.81
CA LEU B 419 -4.13 23.25 -10.40
C LEU B 419 -4.77 23.62 -11.73
N THR B 420 -4.59 22.75 -12.72
CA THR B 420 -5.42 22.64 -13.94
C THR B 420 -6.23 21.36 -13.80
N ILE B 421 -7.55 21.46 -13.71
CA ILE B 421 -8.42 20.27 -13.46
C ILE B 421 -9.24 20.05 -14.72
N ASP B 422 -9.03 18.91 -15.39
CA ASP B 422 -9.80 18.52 -16.58
C ASP B 422 -10.76 17.39 -16.17
N LEU B 423 -12.05 17.55 -16.43
CA LEU B 423 -13.11 16.57 -16.07
C LEU B 423 -13.36 15.60 -17.25
N GLY B 424 -12.65 15.77 -18.36
CA GLY B 424 -12.74 14.88 -19.55
C GLY B 424 -14.13 14.92 -20.18
N LYS B 425 -14.57 13.80 -20.74
CA LYS B 425 -15.90 13.68 -21.41
C LYS B 425 -16.98 13.34 -20.39
N THR B 426 -18.02 14.17 -20.35
CA THR B 426 -19.25 14.01 -19.54
C THR B 426 -20.45 14.08 -20.49
N HIS B 427 -21.65 13.71 -20.01
CA HIS B 427 -22.93 13.79 -20.79
C HIS B 427 -23.30 15.25 -21.05
N LYS B 428 -23.06 16.13 -20.07
CA LYS B 428 -23.38 17.58 -20.13
C LYS B 428 -22.10 18.38 -19.91
N GLU B 429 -22.07 19.61 -20.44
CA GLU B 429 -21.01 20.61 -20.16
C GLU B 429 -21.18 21.09 -18.71
N VAL B 430 -20.22 20.77 -17.84
CA VAL B 430 -20.15 21.28 -16.43
C VAL B 430 -19.77 22.76 -16.46
N LYS B 431 -20.47 23.62 -15.73
CA LYS B 431 -20.35 25.09 -15.89
C LYS B 431 -19.80 25.77 -14.63
N LYS B 432 -19.96 25.16 -13.45
CA LYS B 432 -19.61 25.75 -12.15
C LYS B 432 -19.03 24.67 -11.24
N VAL B 433 -18.07 25.05 -10.38
CA VAL B 433 -17.50 24.17 -9.33
C VAL B 433 -17.29 25.02 -8.07
N VAL B 434 -17.60 24.44 -6.91
CA VAL B 434 -17.43 25.12 -5.59
C VAL B 434 -16.32 24.40 -4.82
N PRO B 435 -15.23 25.13 -4.45
CA PRO B 435 -14.21 24.61 -3.54
C PRO B 435 -14.67 24.73 -2.08
N TRP B 436 -14.47 23.67 -1.30
CA TRP B 436 -14.62 23.62 0.16
C TRP B 436 -13.29 23.24 0.78
N VAL B 437 -12.74 24.09 1.64
CA VAL B 437 -11.34 23.99 2.15
C VAL B 437 -11.34 23.57 3.62
N THR B 438 -10.41 22.69 3.98
CA THR B 438 -10.08 22.30 5.37
C THR B 438 -8.57 22.47 5.54
N SER B 439 -8.14 23.18 6.58
CA SER B 439 -6.71 23.46 6.86
C SER B 439 -6.54 23.88 8.31
N ASN B 440 -5.36 24.37 8.68
CA ASN B 440 -5.10 24.96 10.02
C ASN B 440 -6.00 26.20 10.20
N ASP B 441 -6.44 26.83 9.11
CA ASP B 441 -7.20 28.11 9.16
C ASP B 441 -8.70 27.90 8.88
N TYR B 442 -9.12 26.76 8.31
CA TYR B 442 -10.53 26.57 7.88
C TYR B 442 -11.01 25.19 8.33
N ASP B 443 -12.25 25.13 8.80
CA ASP B 443 -12.94 23.87 9.19
C ASP B 443 -13.47 23.23 7.91
N LEU B 444 -14.51 23.80 7.31
CA LEU B 444 -15.04 23.35 6.00
C LEU B 444 -15.63 24.58 5.33
N GLU B 445 -14.76 25.45 4.83
CA GLU B 445 -15.11 26.81 4.34
C GLU B 445 -15.40 26.74 2.85
N GLU B 446 -16.61 27.14 2.47
CA GLU B 446 -17.07 27.34 1.07
C GLU B 446 -16.35 28.57 0.51
N MET B 447 -15.63 28.39 -0.60
CA MET B 447 -14.95 29.49 -1.33
C MET B 447 -15.84 29.90 -2.49
N SER B 448 -15.48 30.99 -3.18
CA SER B 448 -16.19 31.52 -4.37
C SER B 448 -16.23 30.43 -5.44
N GLU B 449 -17.33 30.38 -6.18
CA GLU B 449 -17.53 29.43 -7.30
C GLU B 449 -16.52 29.77 -8.40
N ILE B 450 -16.07 28.74 -9.12
CA ILE B 450 -15.11 28.86 -10.25
C ILE B 450 -15.87 28.50 -11.52
N ASP B 451 -15.63 29.25 -12.60
CA ASP B 451 -16.19 29.02 -13.96
C ASP B 451 -15.43 27.88 -14.62
N VAL B 452 -16.16 26.92 -15.17
CA VAL B 452 -15.63 25.74 -15.92
C VAL B 452 -15.90 25.96 -17.42
N LYS B 453 -14.85 25.91 -18.23
CA LYS B 453 -14.88 26.04 -19.72
C LYS B 453 -14.23 24.80 -20.35
N HIS B 454 -14.90 24.19 -21.32
CA HIS B 454 -14.44 22.98 -22.05
C HIS B 454 -14.13 21.88 -21.02
N ASN B 455 -14.98 21.77 -19.99
CA ASN B 455 -14.92 20.75 -18.92
C ASN B 455 -13.57 20.84 -18.18
N SER B 456 -13.00 22.04 -18.06
CA SER B 456 -11.70 22.31 -17.42
C SER B 456 -11.74 23.61 -16.62
N PHE B 457 -11.00 23.69 -15.52
CA PHE B 457 -10.87 24.93 -14.70
C PHE B 457 -9.51 25.00 -14.02
N LEU B 458 -9.15 26.23 -13.66
CA LEU B 458 -7.93 26.58 -12.91
C LEU B 458 -8.34 26.90 -11.47
N ALA B 459 -7.52 26.48 -10.52
CA ALA B 459 -7.70 26.75 -9.08
C ALA B 459 -6.35 26.73 -8.39
N SER B 460 -6.22 27.52 -7.33
CA SER B 460 -5.11 27.47 -6.35
C SER B 460 -5.67 26.77 -5.11
N VAL B 461 -4.86 25.96 -4.45
CA VAL B 461 -5.21 25.36 -3.13
C VAL B 461 -4.09 25.74 -2.18
N PRO B 462 -4.42 26.10 -0.93
CA PRO B 462 -3.40 26.51 0.04
C PRO B 462 -2.45 25.39 0.44
N ALA B 463 -1.27 25.78 0.94
CA ALA B 463 -0.29 24.88 1.61
C ALA B 463 -1.04 24.03 2.65
N ARG B 464 -0.68 22.75 2.73
CA ARG B 464 -1.11 21.82 3.81
C ARG B 464 -2.64 21.90 3.95
N SER B 465 -3.39 21.64 2.89
CA SER B 465 -4.87 21.75 2.86
C SER B 465 -5.52 20.53 2.20
N LEU B 466 -6.78 20.28 2.59
CA LEU B 466 -7.74 19.42 1.87
C LEU B 466 -8.79 20.32 1.23
N THR B 467 -9.05 20.16 -0.06
CA THR B 467 -10.09 20.91 -0.81
C THR B 467 -11.00 19.90 -1.50
N SER B 468 -12.30 20.02 -1.29
CA SER B 468 -13.36 19.31 -2.04
C SER B 468 -13.90 20.26 -3.11
N PHE B 469 -13.64 19.97 -4.38
CA PHE B 469 -14.25 20.65 -5.55
C PHE B 469 -15.53 19.90 -5.92
N VAL B 470 -16.67 20.58 -5.83
CA VAL B 470 -18.03 20.00 -6.02
C VAL B 470 -18.67 20.70 -7.22
N THR B 471 -19.00 19.97 -8.27
CA THR B 471 -19.71 20.50 -9.46
C THR B 471 -21.14 20.85 -9.07
N GLU B 472 -21.72 21.86 -9.73
CA GLU B 472 -23.04 22.46 -9.41
C GLU B 472 -23.74 22.83 -10.72
N CYS B 473 -25.07 22.72 -10.77
CA CYS B 473 -25.93 22.90 -11.98
C CYS B 473 -25.92 24.37 -12.42
#